data_2HG8
#
_entry.id   2HG8
#
_cell.length_a   59.179
_cell.length_b   109.278
_cell.length_c   59.449
_cell.angle_alpha   90.000
_cell.angle_beta   97.230
_cell.angle_gamma   90.000
#
_symmetry.space_group_name_H-M   'P 1 21 1'
#
loop_
_entity.id
_entity.type
_entity.pdbx_description
1 polymer 'Branched-chain-amino-acid aminotransferase, mitochondrial'
2 non-polymer "PYRIDOXAL-5'-PHOSPHATE"
3 non-polymer N-METHYLLEUCINE
4 non-polymer 'ACETIC ACID'
5 water water
#
_entity_poly.entity_id   1
_entity_poly.type   'polypeptide(L)'
_entity_poly.pdbx_seq_one_letter_code
;ASSSFKAADLQLEMTQKPHKKPGPGEPLVFGKTFTDHMLMVEWNDKGWGQPRIQPFQNLTLHPASSSLHYSLQLFEGMKA
FKGKDQQVRLFRPWLNMDRMLRSAMRLCLPSFDKLELLECIRRLIEVDKDWVPDAAGTSLYVRPVLIGNEPSLGVSQPRR
ALLFVILCPVGAYFPGGSVTPVSLLADPAFIRAWVGGVGNYKLGGNYGPTVLVQQEALKRGCEQVLWLYGPDHQLTEVGT
MNIFVYWTHEDGVLELVTPPLNGVILPGVVRQSLLDMAQTWGEFRVVERTITMKQLLRALEEGRVREVFGSGTAAQVCPV
HRILYKDRNLHIPTMENGPELILRFQKELKEIQYGIRAHEWMFPV
;
_entity_poly.pdbx_strand_id   A,B
#
# COMPACT_ATOMS: atom_id res chain seq x y z
N SER A 3 -15.23 12.37 21.35
CA SER A 3 -15.28 11.43 20.20
C SER A 3 -14.45 10.16 20.44
N SER A 4 -13.29 10.33 21.09
CA SER A 4 -12.37 9.23 21.37
C SER A 4 -12.80 8.19 22.38
N PHE A 5 -12.25 6.99 22.24
CA PHE A 5 -12.50 5.89 23.18
C PHE A 5 -11.75 6.26 24.46
N LYS A 6 -12.32 5.86 25.60
CA LYS A 6 -11.72 6.20 26.89
C LYS A 6 -11.19 4.97 27.58
N ALA A 7 -10.02 5.12 28.22
CA ALA A 7 -9.38 4.03 28.96
C ALA A 7 -10.20 3.64 30.19
N ALA A 8 -11.03 4.58 30.64
CA ALA A 8 -11.92 4.40 31.79
C ALA A 8 -13.11 3.51 31.43
N ASP A 9 -13.31 3.31 30.12
CA ASP A 9 -14.39 2.47 29.58
C ASP A 9 -13.87 1.09 29.20
N LEU A 10 -12.63 0.79 29.61
CA LEU A 10 -11.98 -0.48 29.29
C LEU A 10 -12.68 -1.74 29.76
N GLN A 11 -12.85 -2.67 28.82
CA GLN A 11 -13.50 -3.94 29.03
C GLN A 11 -12.39 -4.99 29.19
N LEU A 12 -12.49 -5.79 30.25
CA LEU A 12 -11.51 -6.83 30.56
C LEU A 12 -12.21 -8.19 30.53
N GLU A 13 -11.60 -9.14 29.82
CA GLU A 13 -12.14 -10.50 29.70
C GLU A 13 -11.28 -11.57 30.37
N MET A 14 -9.95 -11.42 30.23
CA MET A 14 -8.92 -12.32 30.77
C MET A 14 -8.97 -13.74 30.22
N THR A 15 -7.81 -14.24 29.77
CA THR A 15 -7.71 -15.58 29.18
C THR A 15 -7.84 -16.74 30.16
N GLN A 16 -8.54 -17.79 29.70
CA GLN A 16 -8.72 -19.02 30.44
C GLN A 16 -7.77 -19.97 29.72
N LYS A 17 -6.79 -20.48 30.47
CA LYS A 17 -5.71 -21.36 29.99
C LYS A 17 -4.71 -20.58 29.12
N PRO A 18 -3.63 -20.05 29.73
CA PRO A 18 -2.57 -19.28 29.06
C PRO A 18 -1.64 -20.09 28.15
N HIS A 19 -1.03 -19.40 27.18
CA HIS A 19 -0.09 -20.00 26.23
C HIS A 19 1.32 -20.19 26.79
N LYS A 20 2.14 -20.94 26.04
CA LYS A 20 3.53 -21.25 26.39
C LYS A 20 4.49 -20.08 26.27
N LYS A 21 5.17 -19.76 27.37
CA LYS A 21 6.12 -18.65 27.45
C LYS A 21 7.58 -19.07 27.20
N PRO A 22 8.26 -18.46 26.19
CA PRO A 22 9.67 -18.79 25.88
C PRO A 22 10.63 -17.96 26.73
N GLY A 23 11.89 -17.91 26.30
CA GLY A 23 12.92 -17.15 26.99
C GLY A 23 14.28 -17.38 26.33
N PRO A 24 15.33 -17.74 27.10
CA PRO A 24 16.68 -17.99 26.56
C PRO A 24 16.77 -19.33 25.78
N GLY A 25 17.99 -19.78 25.50
CA GLY A 25 18.19 -21.03 24.77
C GLY A 25 17.85 -20.96 23.29
N GLU A 26 16.55 -20.93 23.00
CA GLU A 26 16.03 -20.83 21.63
C GLU A 26 16.27 -19.38 21.14
N PRO A 27 16.95 -19.22 19.97
CA PRO A 27 17.27 -17.91 19.37
C PRO A 27 16.16 -16.86 19.30
N LEU A 28 14.91 -17.33 19.20
CA LEU A 28 13.69 -16.50 19.12
C LEU A 28 13.67 -15.50 17.96
N VAL A 29 13.03 -15.91 16.87
CA VAL A 29 12.90 -15.10 15.66
C VAL A 29 11.89 -13.97 15.88
N PHE A 30 12.21 -12.80 15.30
CA PHE A 30 11.39 -11.58 15.42
C PHE A 30 9.92 -11.71 15.03
N GLY A 31 9.06 -11.28 15.95
CA GLY A 31 7.61 -11.25 15.77
C GLY A 31 6.85 -12.49 15.34
N LYS A 32 7.26 -13.66 15.82
CA LYS A 32 6.57 -14.92 15.49
C LYS A 32 5.95 -15.56 16.72
N THR A 33 6.26 -15.00 17.90
CA THR A 33 5.72 -15.47 19.17
C THR A 33 4.89 -14.34 19.75
N PHE A 34 3.64 -14.66 20.11
CA PHE A 34 2.71 -13.66 20.65
C PHE A 34 2.24 -13.90 22.06
N THR A 35 1.83 -12.82 22.73
CA THR A 35 1.36 -12.87 24.11
C THR A 35 -0.09 -13.36 24.26
N ASP A 36 -0.56 -13.43 25.50
CA ASP A 36 -1.91 -13.91 25.84
C ASP A 36 -3.09 -13.01 25.52
N HIS A 37 -2.90 -11.70 25.62
CA HIS A 37 -3.97 -10.73 25.38
C HIS A 37 -3.65 -9.73 24.28
N MET A 38 -4.71 -9.12 23.76
CA MET A 38 -4.62 -8.11 22.71
C MET A 38 -5.64 -7.00 22.99
N LEU A 39 -5.39 -5.81 22.45
CA LEU A 39 -6.33 -4.70 22.61
C LEU A 39 -7.16 -4.62 21.35
N MET A 40 -8.43 -4.23 21.47
CA MET A 40 -9.31 -4.12 20.32
C MET A 40 -10.31 -2.99 20.51
N VAL A 41 -10.36 -2.07 19.55
CA VAL A 41 -11.30 -0.95 19.57
C VAL A 41 -11.91 -0.81 18.17
N GLU A 42 -13.24 -0.67 18.13
CA GLU A 42 -13.97 -0.55 16.86
C GLU A 42 -14.58 0.82 16.67
N TRP A 43 -14.55 1.30 15.43
CA TRP A 43 -15.09 2.61 15.06
C TRP A 43 -16.15 2.43 13.98
N ASN A 44 -17.18 3.29 14.03
CA ASN A 44 -18.26 3.33 13.05
C ASN A 44 -18.62 4.80 12.78
N ASP A 45 -19.69 5.05 12.02
CA ASP A 45 -20.12 6.42 11.70
C ASP A 45 -20.51 7.29 12.92
N LYS A 46 -20.98 6.65 13.98
CA LYS A 46 -21.40 7.33 15.20
C LYS A 46 -20.27 7.50 16.23
N GLY A 47 -19.08 7.00 15.91
CA GLY A 47 -17.94 7.13 16.81
C GLY A 47 -17.30 5.83 17.25
N TRP A 48 -16.39 5.95 18.22
CA TRP A 48 -15.68 4.79 18.77
C TRP A 48 -16.51 4.01 19.78
N GLY A 49 -16.22 2.72 19.87
CA GLY A 49 -16.88 1.86 20.86
C GLY A 49 -15.96 1.79 22.07
N GLN A 50 -16.24 0.85 22.97
CA GLN A 50 -15.45 0.63 24.17
C GLN A 50 -14.17 -0.15 23.86
N PRO A 51 -13.01 0.25 24.45
CA PRO A 51 -11.76 -0.49 24.18
C PRO A 51 -11.76 -1.80 24.97
N ARG A 52 -11.32 -2.89 24.34
CA ARG A 52 -11.30 -4.20 24.98
C ARG A 52 -9.96 -4.88 25.06
N ILE A 53 -9.68 -5.46 26.22
CA ILE A 53 -8.48 -6.27 26.43
C ILE A 53 -9.17 -7.63 26.48
N GLN A 54 -8.94 -8.40 25.41
CA GLN A 54 -9.55 -9.70 25.23
C GLN A 54 -8.45 -10.72 24.94
N PRO A 55 -8.74 -12.04 25.03
CA PRO A 55 -7.70 -13.05 24.75
C PRO A 55 -7.22 -12.95 23.29
N PHE A 56 -5.96 -13.33 23.03
CA PHE A 56 -5.40 -13.31 21.68
C PHE A 56 -6.24 -14.24 20.81
N GLN A 57 -6.79 -13.67 19.75
CA GLN A 57 -7.66 -14.39 18.83
C GLN A 57 -7.59 -13.80 17.43
N ASN A 58 -8.09 -14.57 16.47
CA ASN A 58 -8.12 -14.15 15.08
C ASN A 58 -9.14 -13.06 14.81
N LEU A 59 -8.86 -12.24 13.80
CA LEU A 59 -9.74 -11.16 13.39
C LEU A 59 -10.77 -11.73 12.41
N THR A 60 -11.98 -11.19 12.46
CA THR A 60 -13.07 -11.62 11.59
C THR A 60 -13.39 -10.41 10.70
N LEU A 61 -12.87 -10.44 9.48
CA LEU A 61 -13.05 -9.34 8.53
C LEU A 61 -13.94 -9.70 7.34
N HIS A 62 -14.76 -8.73 6.93
CA HIS A 62 -15.64 -8.87 5.76
C HIS A 62 -14.67 -8.92 4.56
N PRO A 63 -14.93 -9.82 3.57
CA PRO A 63 -14.01 -9.90 2.43
C PRO A 63 -13.81 -8.65 1.58
N ALA A 64 -14.67 -7.65 1.79
CA ALA A 64 -14.56 -6.38 1.08
C ALA A 64 -13.89 -5.30 1.92
N SER A 65 -13.37 -5.68 3.10
CA SER A 65 -12.69 -4.75 4.02
C SER A 65 -11.63 -3.91 3.28
N SER A 66 -11.79 -2.60 3.35
CA SER A 66 -10.88 -1.66 2.68
C SER A 66 -9.40 -1.83 3.04
N SER A 67 -9.15 -2.48 4.18
CA SER A 67 -7.80 -2.76 4.66
C SER A 67 -7.05 -3.76 3.76
N LEU A 68 -7.83 -4.60 3.09
CA LEU A 68 -7.33 -5.66 2.22
C LEU A 68 -7.31 -5.34 0.74
N HIS A 69 -8.12 -4.36 0.34
CA HIS A 69 -8.23 -3.99 -1.06
C HIS A 69 -7.46 -2.73 -1.44
N TYR A 70 -7.55 -1.70 -0.59
CA TYR A 70 -6.93 -0.39 -0.85
C TYR A 70 -5.88 0.04 0.17
N SER A 71 -5.33 -0.92 0.92
CA SER A 71 -4.30 -0.67 1.92
C SER A 71 -4.58 0.45 2.93
N LEU A 72 -5.81 0.47 3.44
CA LEU A 72 -6.17 1.43 4.47
C LEU A 72 -5.71 0.77 5.77
N GLN A 73 -4.40 0.88 5.98
CA GLN A 73 -3.71 0.28 7.11
C GLN A 73 -2.45 1.04 7.48
N LEU A 74 -2.17 1.06 8.78
CA LEU A 74 -0.99 1.71 9.33
C LEU A 74 -0.59 0.94 10.57
N PHE A 75 0.66 1.10 10.97
CA PHE A 75 1.15 0.41 12.15
C PHE A 75 2.18 1.24 12.89
N GLU A 76 2.53 0.76 14.08
CA GLU A 76 3.54 1.38 14.90
C GLU A 76 4.42 0.30 15.50
N GLY A 77 5.54 0.73 16.06
CA GLY A 77 6.46 -0.20 16.68
C GLY A 77 7.25 0.45 17.78
N MET A 78 7.03 -0.02 19.00
CA MET A 78 7.74 0.46 20.18
C MET A 78 8.10 -0.70 21.09
N LYS A 79 9.10 -0.49 21.94
CA LYS A 79 9.55 -1.54 22.85
C LYS A 79 9.38 -1.24 24.32
N ALA A 80 9.07 -2.29 25.07
CA ALA A 80 8.91 -2.26 26.51
C ALA A 80 10.08 -3.05 27.08
N PHE A 81 10.78 -2.47 28.05
CA PHE A 81 11.95 -3.11 28.66
C PHE A 81 11.74 -3.38 30.13
N LYS A 82 12.34 -4.48 30.62
CA LYS A 82 12.25 -4.89 32.01
C LYS A 82 13.64 -4.83 32.64
N GLY A 83 13.77 -4.04 33.70
CA GLY A 83 15.05 -3.89 34.39
C GLY A 83 15.30 -4.95 35.46
N LYS A 84 16.31 -4.71 36.29
CA LYS A 84 16.69 -5.62 37.39
C LYS A 84 15.71 -5.55 38.56
N ASP A 85 14.98 -4.44 38.64
CA ASP A 85 13.98 -4.17 39.68
C ASP A 85 12.61 -4.75 39.31
N GLN A 86 12.58 -5.46 38.17
CA GLN A 86 11.42 -6.11 37.56
C GLN A 86 10.27 -5.19 37.10
N GLN A 87 10.57 -3.90 36.97
CA GLN A 87 9.58 -2.92 36.51
C GLN A 87 9.72 -2.72 35.01
N VAL A 88 8.58 -2.71 34.32
CA VAL A 88 8.53 -2.54 32.87
C VAL A 88 8.38 -1.06 32.49
N ARG A 89 9.13 -0.65 31.47
CA ARG A 89 9.11 0.74 30.98
C ARG A 89 9.11 0.81 29.44
N LEU A 90 8.31 1.73 28.90
CA LEU A 90 8.22 1.95 27.45
C LEU A 90 9.14 3.11 27.06
N PHE A 91 9.86 2.96 25.94
CA PHE A 91 10.80 3.98 25.44
C PHE A 91 10.07 4.98 24.54
N ARG A 92 10.07 6.26 24.96
CA ARG A 92 9.43 7.40 24.26
C ARG A 92 8.15 7.06 23.47
N PRO A 93 7.13 6.49 24.15
CA PRO A 93 5.88 6.11 23.46
C PRO A 93 4.99 7.23 22.95
N TRP A 94 5.16 8.42 23.52
CA TRP A 94 4.39 9.61 23.16
C TRP A 94 4.69 10.00 21.70
N LEU A 95 5.93 9.75 21.26
CA LEU A 95 6.35 10.02 19.88
C LEU A 95 5.72 9.02 18.91
N ASN A 96 5.52 7.80 19.37
CA ASN A 96 4.88 6.75 18.56
C ASN A 96 3.41 7.05 18.40
N MET A 97 2.80 7.59 19.46
CA MET A 97 1.37 7.97 19.47
C MET A 97 1.18 9.14 18.51
N ASP A 98 2.16 10.07 18.50
CA ASP A 98 2.14 11.25 17.62
C ASP A 98 2.19 10.80 16.16
N ARG A 99 3.13 9.91 15.84
CA ARG A 99 3.34 9.40 14.49
C ARG A 99 2.14 8.59 13.97
N MET A 100 1.50 7.84 14.88
CA MET A 100 0.33 7.02 14.54
C MET A 100 -0.86 7.89 14.14
N LEU A 101 -1.06 8.98 14.87
CA LEU A 101 -2.16 9.92 14.59
C LEU A 101 -1.91 10.63 13.25
N ARG A 102 -0.64 10.88 12.92
CA ARG A 102 -0.28 11.54 11.64
C ARG A 102 -0.54 10.56 10.50
N SER A 103 -0.24 9.28 10.73
CA SER A 103 -0.47 8.21 9.75
C SER A 103 -1.98 8.04 9.52
N ALA A 104 -2.75 8.13 10.61
CA ALA A 104 -4.22 8.02 10.57
C ALA A 104 -4.86 9.13 9.74
N MET A 105 -4.36 10.36 9.92
CA MET A 105 -4.87 11.51 9.19
C MET A 105 -4.60 11.43 7.69
N ARG A 106 -3.42 10.94 7.34
CA ARG A 106 -3.02 10.80 5.94
C ARG A 106 -3.90 9.82 5.17
N LEU A 107 -4.40 8.79 5.87
CA LEU A 107 -5.25 7.77 5.25
C LEU A 107 -6.74 7.94 5.51
N CYS A 108 -7.13 9.11 6.04
CA CYS A 108 -8.52 9.45 6.35
C CYS A 108 -9.17 8.44 7.30
N LEU A 109 -8.33 7.94 8.21
CA LEU A 109 -8.73 6.99 9.24
C LEU A 109 -9.12 7.83 10.48
N PRO A 110 -9.96 7.29 11.38
CA PRO A 110 -10.38 8.03 12.57
C PRO A 110 -9.36 8.51 13.59
N SER A 111 -9.62 9.73 14.06
CA SER A 111 -8.79 10.36 15.10
C SER A 111 -9.09 9.69 16.42
N PHE A 112 -8.13 9.78 17.33
CA PHE A 112 -8.24 9.24 18.67
C PHE A 112 -7.38 10.09 19.58
N ASP A 113 -7.62 9.99 20.88
CA ASP A 113 -6.82 10.73 21.87
C ASP A 113 -5.59 9.85 22.09
N LYS A 114 -4.43 10.43 21.77
CA LYS A 114 -3.12 9.78 21.87
C LYS A 114 -2.79 9.25 23.27
N LEU A 115 -3.21 9.98 24.29
CA LEU A 115 -2.96 9.61 25.67
C LEU A 115 -3.92 8.53 26.21
N GLU A 116 -5.12 8.44 25.62
CA GLU A 116 -6.09 7.41 26.01
C GLU A 116 -5.64 6.07 25.43
N LEU A 117 -5.01 6.10 24.25
CA LEU A 117 -4.50 4.88 23.63
C LEU A 117 -3.26 4.43 24.40
N LEU A 118 -2.45 5.39 24.85
CA LEU A 118 -1.24 5.07 25.60
C LEU A 118 -1.59 4.39 26.93
N GLU A 119 -2.68 4.84 27.57
CA GLU A 119 -3.13 4.25 28.83
C GLU A 119 -3.72 2.85 28.59
N CYS A 120 -4.42 2.67 27.46
CA CYS A 120 -5.00 1.37 27.09
C CYS A 120 -3.87 0.34 26.83
N ILE A 121 -2.78 0.80 26.21
CA ILE A 121 -1.61 -0.02 25.91
C ILE A 121 -0.86 -0.36 27.20
N ARG A 122 -0.77 0.61 28.11
CA ARG A 122 -0.10 0.42 29.42
C ARG A 122 -0.82 -0.70 30.19
N ARG A 123 -2.14 -0.63 30.15
CA ARG A 123 -3.01 -1.61 30.81
C ARG A 123 -2.89 -2.99 30.19
N LEU A 124 -2.66 -3.04 28.86
CA LEU A 124 -2.48 -4.30 28.14
C LEU A 124 -1.15 -4.95 28.52
N ILE A 125 -0.10 -4.14 28.58
CA ILE A 125 1.23 -4.64 28.95
C ILE A 125 1.24 -5.05 30.42
N GLU A 126 0.46 -4.35 31.25
CA GLU A 126 0.35 -4.64 32.69
C GLU A 126 -0.28 -6.03 32.92
N VAL A 127 -1.25 -6.39 32.08
CA VAL A 127 -1.94 -7.68 32.15
C VAL A 127 -0.96 -8.80 31.70
N ASP A 128 -0.20 -8.53 30.65
CA ASP A 128 0.78 -9.47 30.11
C ASP A 128 2.21 -9.17 30.58
N LYS A 129 2.34 -8.59 31.77
CA LYS A 129 3.64 -8.21 32.37
C LYS A 129 4.70 -9.30 32.49
N ASP A 130 4.24 -10.55 32.66
CA ASP A 130 5.12 -11.71 32.81
C ASP A 130 5.73 -12.18 31.48
N TRP A 131 5.24 -11.61 30.38
CA TRP A 131 5.73 -11.94 29.04
C TRP A 131 6.95 -11.12 28.62
N VAL A 132 7.18 -10.01 29.33
CA VAL A 132 8.32 -9.13 29.06
C VAL A 132 9.60 -9.79 29.61
N PRO A 133 10.54 -10.19 28.71
CA PRO A 133 11.78 -10.83 29.18
C PRO A 133 12.77 -9.88 29.86
N ASP A 134 13.67 -10.46 30.65
CA ASP A 134 14.66 -9.71 31.42
C ASP A 134 16.12 -9.95 31.02
N ALA A 135 16.35 -10.82 30.03
CA ALA A 135 17.70 -11.15 29.55
C ALA A 135 18.31 -10.00 28.73
N ALA A 136 19.64 -10.04 28.59
CA ALA A 136 20.40 -9.02 27.85
C ALA A 136 20.07 -8.98 26.36
N GLY A 137 19.69 -7.79 25.90
CA GLY A 137 19.34 -7.56 24.51
C GLY A 137 17.94 -7.95 24.09
N THR A 138 17.10 -8.32 25.05
CA THR A 138 15.71 -8.73 24.80
C THR A 138 14.69 -7.71 25.34
N SER A 139 13.49 -7.74 24.76
CA SER A 139 12.41 -6.81 25.14
C SER A 139 11.06 -7.30 24.61
N LEU A 140 10.01 -6.49 24.83
CA LEU A 140 8.67 -6.79 24.34
C LEU A 140 8.34 -5.78 23.26
N TYR A 141 8.13 -6.26 22.04
CA TYR A 141 7.77 -5.41 20.90
C TYR A 141 6.26 -5.19 20.93
N VAL A 142 5.86 -3.92 20.89
CA VAL A 142 4.46 -3.50 20.92
C VAL A 142 4.07 -3.11 19.50
N ARG A 143 3.00 -3.74 18.99
CA ARG A 143 2.53 -3.48 17.63
C ARG A 143 1.09 -2.96 17.49
N PRO A 144 0.91 -1.61 17.54
CA PRO A 144 -0.43 -1.01 17.38
C PRO A 144 -0.71 -0.95 15.89
N VAL A 145 -1.97 -1.17 15.50
CA VAL A 145 -2.38 -1.15 14.09
C VAL A 145 -3.77 -0.55 14.01
N LEU A 146 -3.99 0.25 12.97
CA LEU A 146 -5.29 0.86 12.72
C LEU A 146 -5.62 0.56 11.27
N ILE A 147 -6.77 -0.08 11.05
CA ILE A 147 -7.19 -0.44 9.70
C ILE A 147 -8.59 0.03 9.33
N GLY A 148 -8.81 0.27 8.03
CA GLY A 148 -10.11 0.65 7.52
C GLY A 148 -10.87 -0.67 7.46
N ASN A 149 -12.17 -0.67 7.75
CA ASN A 149 -12.93 -1.91 7.78
C ASN A 149 -14.37 -1.82 7.24
N GLU A 150 -14.57 -0.97 6.24
CA GLU A 150 -15.89 -0.80 5.64
C GLU A 150 -16.19 -1.94 4.64
N PRO A 151 -17.39 -2.56 4.72
CA PRO A 151 -17.76 -3.65 3.79
C PRO A 151 -18.13 -3.12 2.39
N SER A 152 -17.23 -2.33 1.79
CA SER A 152 -17.45 -1.72 0.49
C SER A 152 -16.22 -1.65 -0.39
N LEU A 153 -16.43 -1.84 -1.70
CA LEU A 153 -15.38 -1.81 -2.70
C LEU A 153 -15.10 -0.46 -3.36
N GLY A 154 -15.63 0.62 -2.81
CA GLY A 154 -15.36 1.93 -3.38
C GLY A 154 -14.16 2.54 -2.67
N VAL A 155 -13.25 3.16 -3.43
CA VAL A 155 -12.07 3.81 -2.85
C VAL A 155 -12.59 5.11 -2.23
N SER A 156 -12.75 5.09 -0.92
CA SER A 156 -13.29 6.25 -0.19
C SER A 156 -12.90 6.21 1.28
N GLN A 157 -13.24 7.28 1.99
CA GLN A 157 -12.99 7.39 3.43
C GLN A 157 -13.84 6.30 4.09
N PRO A 158 -13.21 5.39 4.87
CA PRO A 158 -13.97 4.32 5.52
C PRO A 158 -14.93 4.79 6.62
N ARG A 159 -16.11 4.16 6.64
CA ARG A 159 -17.15 4.46 7.61
C ARG A 159 -17.04 3.50 8.79
N ARG A 160 -16.03 2.64 8.74
CA ARG A 160 -15.76 1.65 9.78
C ARG A 160 -14.26 1.42 9.90
N ALA A 161 -13.79 1.21 11.12
CA ALA A 161 -12.37 0.97 11.37
C ALA A 161 -12.12 0.09 12.58
N LEU A 162 -10.93 -0.49 12.64
CA LEU A 162 -10.54 -1.36 13.73
C LEU A 162 -9.13 -1.03 14.19
N LEU A 163 -8.99 -0.78 15.47
CA LEU A 163 -7.68 -0.49 16.07
C LEU A 163 -7.36 -1.67 16.98
N PHE A 164 -6.22 -2.30 16.76
CA PHE A 164 -5.79 -3.40 17.62
C PHE A 164 -4.31 -3.33 17.98
N VAL A 165 -3.96 -3.86 19.15
CA VAL A 165 -2.57 -3.87 19.58
C VAL A 165 -2.19 -5.29 20.00
N ILE A 166 -1.11 -5.79 19.41
CA ILE A 166 -0.59 -7.12 19.73
C ILE A 166 0.85 -6.99 20.23
N LEU A 167 1.24 -7.91 21.11
CA LEU A 167 2.58 -7.90 21.72
C LEU A 167 3.42 -9.12 21.38
N CYS A 168 4.73 -8.92 21.25
CA CYS A 168 5.69 -9.97 20.91
C CYS A 168 7.00 -9.96 21.69
N PRO A 169 7.34 -11.04 22.43
CA PRO A 169 8.63 -11.02 23.14
C PRO A 169 9.71 -11.24 22.07
N VAL A 170 10.64 -10.30 21.98
CA VAL A 170 11.70 -10.36 20.96
C VAL A 170 13.13 -10.28 21.49
N GLY A 171 14.08 -10.53 20.59
CA GLY A 171 15.49 -10.47 20.90
C GLY A 171 16.13 -9.47 19.96
N ALA A 172 15.68 -8.30 19.96
N VAL A 179 25.69 -6.29 16.74
CA VAL A 179 26.57 -7.47 16.56
C VAL A 179 27.36 -7.38 15.24
N THR A 180 27.09 -8.31 14.30
CA THR A 180 27.76 -8.36 13.00
C THR A 180 27.25 -7.29 12.01
N PRO A 181 28.17 -6.63 11.27
CA PRO A 181 27.80 -5.60 10.29
C PRO A 181 27.11 -6.12 9.02
N VAL A 182 26.45 -5.21 8.30
CA VAL A 182 25.74 -5.54 7.06
C VAL A 182 26.29 -4.91 5.77
N SER A 183 26.08 -5.59 4.65
CA SER A 183 26.49 -5.11 3.34
C SER A 183 25.24 -4.58 2.63
N LEU A 184 25.40 -3.45 1.93
CA LEU A 184 24.27 -2.80 1.25
C LEU A 184 24.36 -2.69 -0.26
N LEU A 185 23.22 -2.84 -0.93
CA LEU A 185 23.14 -2.69 -2.39
C LEU A 185 22.56 -1.31 -2.64
N ALA A 186 23.29 -0.49 -3.40
CA ALA A 186 22.85 0.86 -3.74
C ALA A 186 22.61 0.97 -5.24
N ASP A 187 21.39 0.67 -5.65
CA ASP A 187 20.99 0.73 -7.05
C ASP A 187 19.86 1.77 -7.17
N PRO A 188 20.09 2.85 -7.96
CA PRO A 188 19.11 3.93 -8.19
C PRO A 188 17.78 3.57 -8.84
N ALA A 189 17.72 2.39 -9.45
CA ALA A 189 16.52 1.90 -10.15
C ALA A 189 15.34 1.61 -9.21
N PHE A 190 15.65 1.40 -7.93
CA PHE A 190 14.66 1.09 -6.90
C PHE A 190 14.34 2.32 -6.04
N ILE A 191 13.06 2.70 -5.99
CA ILE A 191 12.60 3.86 -5.22
C ILE A 191 11.62 3.40 -4.12
N ARG A 192 11.90 3.76 -2.88
CA ARG A 192 11.06 3.40 -1.72
C ARG A 192 9.97 4.44 -1.52
N ALA A 193 10.37 5.69 -1.63
CA ALA A 193 9.48 6.82 -1.40
C ALA A 193 9.87 7.99 -2.28
N TRP A 194 8.89 8.88 -2.48
CA TRP A 194 9.08 10.06 -3.31
C TRP A 194 8.46 11.30 -2.67
N VAL A 195 9.01 12.48 -2.99
CA VAL A 195 8.48 13.75 -2.46
C VAL A 195 7.07 13.92 -3.03
N GLY A 196 6.11 14.10 -2.13
CA GLY A 196 4.71 14.22 -2.51
C GLY A 196 4.02 12.89 -2.26
N GLY A 197 4.81 11.91 -1.84
CA GLY A 197 4.31 10.58 -1.54
C GLY A 197 3.99 10.40 -0.08
N VAL A 198 4.07 9.16 0.39
CA VAL A 198 3.76 8.79 1.78
C VAL A 198 4.83 8.02 2.55
N GLY A 199 6.09 8.17 2.12
CA GLY A 199 7.19 7.47 2.78
C GLY A 199 7.52 7.93 4.18
N ASN A 200 7.04 9.11 4.55
CA ASN A 200 7.26 9.68 5.88
C ASN A 200 6.19 9.27 6.89
N TYR A 201 5.32 8.35 6.49
CA TYR A 201 4.27 7.81 7.34
C TYR A 201 4.47 6.30 7.40
N LYS A 202 4.17 5.69 8.56
CA LYS A 202 4.36 4.25 8.74
C LYS A 202 3.10 3.50 8.28
N LEU A 203 2.89 3.51 6.96
CA LEU A 203 1.74 2.87 6.31
C LEU A 203 2.18 1.57 5.69
N GLY A 204 1.34 0.54 5.82
CA GLY A 204 1.65 -0.77 5.27
C GLY A 204 2.11 -0.76 3.81
N GLY A 205 1.49 0.10 3.00
CA GLY A 205 1.79 0.25 1.58
C GLY A 205 3.23 0.50 1.17
N ASN A 206 4.02 1.10 2.07
CA ASN A 206 5.43 1.41 1.80
C ASN A 206 6.33 0.18 1.98
N TYR A 207 5.81 -0.89 2.59
CA TYR A 207 6.59 -2.08 2.91
C TYR A 207 6.54 -3.29 1.99
N GLY A 208 5.35 -3.59 1.46
CA GLY A 208 5.19 -4.72 0.55
C GLY A 208 6.15 -4.72 -0.64
N PRO A 209 6.32 -3.57 -1.36
CA PRO A 209 7.22 -3.49 -2.51
C PRO A 209 8.71 -3.68 -2.20
N THR A 210 9.09 -3.53 -0.92
CA THR A 210 10.49 -3.66 -0.51
C THR A 210 11.01 -5.10 -0.48
N VAL A 211 10.08 -6.07 -0.36
CA VAL A 211 10.43 -7.49 -0.29
C VAL A 211 11.22 -8.01 -1.50
N LEU A 212 10.77 -7.68 -2.71
CA LEU A 212 11.47 -8.10 -3.94
C LEU A 212 12.85 -7.47 -4.04
N VAL A 213 12.95 -6.20 -3.65
CA VAL A 213 14.20 -5.46 -3.69
C VAL A 213 15.23 -6.06 -2.71
N GLN A 214 14.75 -6.51 -1.55
CA GLN A 214 15.58 -7.15 -0.53
C GLN A 214 16.12 -8.49 -1.05
N GLN A 215 15.29 -9.21 -1.80
CA GLN A 215 15.70 -10.49 -2.40
C GLN A 215 16.72 -10.28 -3.51
N GLU A 216 16.59 -9.15 -4.22
CA GLU A 216 17.51 -8.79 -5.32
C GLU A 216 18.88 -8.41 -4.73
N ALA A 217 18.86 -7.85 -3.52
CA ALA A 217 20.08 -7.47 -2.81
C ALA A 217 20.82 -8.72 -2.37
N LEU A 218 20.06 -9.73 -1.90
CA LEU A 218 20.62 -11.01 -1.46
C LEU A 218 21.25 -11.78 -2.62
N LYS A 219 20.66 -11.64 -3.81
CA LYS A 219 21.15 -12.28 -5.04
C LYS A 219 22.51 -11.70 -5.44
N ARG A 220 22.69 -10.39 -5.20
CA ARG A 220 23.93 -9.69 -5.53
C ARG A 220 24.96 -9.70 -4.38
N GLY A 221 24.68 -10.51 -3.36
CA GLY A 221 25.57 -10.66 -2.21
C GLY A 221 25.51 -9.66 -1.08
N CYS A 222 24.41 -8.91 -1.02
CA CYS A 222 24.24 -7.90 0.02
C CYS A 222 23.11 -8.28 0.99
N GLU A 223 23.28 -7.93 2.26
CA GLU A 223 22.28 -8.24 3.28
C GLU A 223 21.06 -7.33 3.27
N GLN A 224 21.26 -6.03 3.04
CA GLN A 224 20.16 -5.07 2.97
C GLN A 224 20.26 -4.07 1.83
N VAL A 225 19.23 -3.23 1.70
CA VAL A 225 19.14 -2.25 0.63
C VAL A 225 19.42 -0.82 1.10
N LEU A 226 20.26 -0.10 0.34
CA LEU A 226 20.52 1.32 0.61
C LEU A 226 19.64 2.04 -0.40
N TRP A 227 18.59 2.66 0.12
CA TRP A 227 17.63 3.38 -0.70
C TRP A 227 18.13 4.74 -1.16
N LEU A 228 18.28 4.88 -2.47
CA LEU A 228 18.75 6.11 -3.10
C LEU A 228 17.58 6.91 -3.66
N TYR A 229 17.74 8.24 -3.71
CA TYR A 229 16.70 9.11 -4.23
C TYR A 229 17.23 10.30 -5.01
N GLY A 230 16.51 10.62 -6.09
CA GLY A 230 16.86 11.75 -6.95
C GLY A 230 17.99 11.54 -7.94
N PRO A 231 18.29 12.54 -8.80
CA PRO A 231 19.35 12.49 -9.81
C PRO A 231 20.75 12.46 -9.20
N ASP A 232 20.87 13.12 -8.04
CA ASP A 232 22.12 13.22 -7.29
C ASP A 232 22.40 12.03 -6.34
N HIS A 233 21.53 11.02 -6.40
CA HIS A 233 21.63 9.78 -5.59
C HIS A 233 21.81 10.00 -4.08
N GLN A 234 20.77 10.58 -3.47
CA GLN A 234 20.76 10.86 -2.04
C GLN A 234 20.53 9.59 -1.23
N LEU A 235 21.30 9.40 -0.16
CA LEU A 235 21.14 8.25 0.75
C LEU A 235 19.93 8.58 1.61
N THR A 236 18.96 7.67 1.67
CA THR A 236 17.77 7.94 2.48
C THR A 236 17.57 7.04 3.68
N GLU A 237 17.40 5.74 3.42
CA GLU A 237 17.18 4.73 4.46
C GLU A 237 18.01 3.47 4.15
N VAL A 238 18.23 2.65 5.19
CA VAL A 238 18.94 1.37 5.09
C VAL A 238 17.87 0.34 5.43
N GLY A 239 17.31 -0.31 4.41
CA GLY A 239 16.25 -1.30 4.60
C GLY A 239 15.04 -0.55 5.17
N THR A 240 14.67 -0.90 6.39
CA THR A 240 13.57 -0.24 7.09
C THR A 240 14.13 0.43 8.36
N MET A 241 15.30 1.05 8.19
CA MET A 241 16.02 1.76 9.25
C MET A 241 16.51 3.11 8.72
N ASN A 242 16.74 4.07 9.62
CA ASN A 242 17.26 5.39 9.23
C ASN A 242 18.77 5.28 9.12
N ILE A 243 19.41 6.09 8.28
CA ILE A 243 20.87 6.01 8.12
C ILE A 243 21.64 7.19 8.72
N PHE A 244 22.80 6.88 9.29
CA PHE A 244 23.68 7.87 9.90
C PHE A 244 25.10 7.66 9.37
N VAL A 245 25.80 8.77 9.11
CA VAL A 245 27.19 8.71 8.66
C VAL A 245 28.01 9.53 9.64
N TYR A 246 29.10 8.94 10.14
CA TYR A 246 30.02 9.59 11.07
C TYR A 246 31.30 9.74 10.26
N TRP A 247 31.64 11.00 9.99
CA TRP A 247 32.81 11.32 9.18
C TRP A 247 33.44 12.67 9.52
N THR A 248 34.55 12.96 8.87
CA THR A 248 35.21 14.24 8.98
C THR A 248 34.75 14.84 7.65
N HIS A 249 33.90 15.86 7.74
CA HIS A 249 33.32 16.56 6.59
C HIS A 249 34.36 17.26 5.69
N GLU A 250 33.90 17.76 4.54
CA GLU A 250 34.72 18.47 3.55
C GLU A 250 35.32 19.78 4.07
N ASP A 251 34.75 20.29 5.17
CA ASP A 251 35.24 21.53 5.80
C ASP A 251 36.22 21.26 6.95
N GLY A 252 36.47 19.97 7.21
CA GLY A 252 37.40 19.54 8.25
C GLY A 252 36.84 19.30 9.63
N VAL A 253 35.54 19.49 9.79
CA VAL A 253 34.87 19.30 11.08
C VAL A 253 34.32 17.88 11.21
N LEU A 254 34.49 17.30 12.40
CA LEU A 254 34.00 15.96 12.71
C LEU A 254 32.50 16.06 12.94
N GLU A 255 31.72 15.29 12.18
CA GLU A 255 30.28 15.33 12.32
C GLU A 255 29.51 14.05 12.12
N LEU A 256 28.33 14.04 12.71
CA LEU A 256 27.36 12.95 12.60
C LEU A 256 26.23 13.56 11.79
N VAL A 257 25.96 12.96 10.63
CA VAL A 257 24.91 13.45 9.74
C VAL A 257 23.87 12.38 9.41
N THR A 258 22.62 12.81 9.32
CA THR A 258 21.50 11.95 8.97
C THR A 258 20.61 12.74 8.00
N PRO A 259 19.97 12.07 7.01
CA PRO A 259 19.10 12.77 6.05
C PRO A 259 17.96 13.53 6.74
N PRO A 260 17.58 14.72 6.21
CA PRO A 260 16.52 15.53 6.81
C PRO A 260 15.12 15.01 6.46
N LEU A 261 14.14 15.45 7.25
CA LEU A 261 12.75 15.06 7.07
C LEU A 261 12.08 15.89 5.95
N ASN A 262 12.43 15.56 4.71
CA ASN A 262 11.90 16.25 3.53
C ASN A 262 10.72 15.55 2.84
N GLY A 263 10.22 14.47 3.45
CA GLY A 263 9.11 13.74 2.89
C GLY A 263 9.38 12.30 2.48
N VAL A 264 10.65 11.94 2.27
CA VAL A 264 11.02 10.58 1.89
C VAL A 264 11.60 9.76 3.04
N ILE A 265 11.78 10.41 4.18
CA ILE A 265 12.35 9.79 5.38
C ILE A 265 11.30 9.56 6.43
N LEU A 266 11.27 8.34 6.98
CA LEU A 266 10.34 8.02 8.06
C LEU A 266 11.00 8.58 9.34
N PRO A 267 10.30 9.49 10.05
CA PRO A 267 10.84 10.08 11.29
C PRO A 267 10.93 9.11 12.46
N GLY A 268 12.02 8.34 12.47
CA GLY A 268 12.24 7.36 13.51
C GLY A 268 12.46 7.91 14.92
N VAL A 269 11.96 7.18 15.91
CA VAL A 269 12.10 7.55 17.32
C VAL A 269 13.54 7.33 17.76
N VAL A 270 14.19 6.26 17.27
CA VAL A 270 15.59 5.98 17.61
C VAL A 270 16.47 7.03 16.92
N ARG A 271 16.10 7.41 15.70
CA ARG A 271 16.80 8.44 14.92
C ARG A 271 16.82 9.77 15.69
N GLN A 272 15.64 10.17 16.16
CA GLN A 272 15.47 11.41 16.93
C GLN A 272 16.22 11.35 18.24
N SER A 273 16.26 10.15 18.86
CA SER A 273 16.94 9.92 20.13
C SER A 273 18.46 10.00 19.98
N LEU A 274 18.99 9.49 18.88
CA LEU A 274 20.44 9.51 18.62
C LEU A 274 20.92 10.94 18.38
N LEU A 275 20.08 11.71 17.67
CA LEU A 275 20.37 13.12 17.39
C LEU A 275 20.34 13.91 18.70
N ASP A 276 19.32 13.67 19.52
CA ASP A 276 19.13 14.32 20.81
C ASP A 276 20.25 14.03 21.82
N MET A 277 20.68 12.77 21.84
CA MET A 277 21.74 12.31 22.75
C MET A 277 23.09 12.92 22.35
N ALA A 278 23.39 12.87 21.05
CA ALA A 278 24.64 13.40 20.50
C ALA A 278 24.70 14.93 20.55
N GLN A 279 23.52 15.56 20.59
CA GLN A 279 23.39 17.02 20.68
C GLN A 279 23.76 17.47 22.09
N THR A 280 23.28 16.71 23.08
CA THR A 280 23.50 16.95 24.50
C THR A 280 24.98 16.83 24.88
N TRP A 281 25.69 15.87 24.28
CA TRP A 281 27.12 15.64 24.53
C TRP A 281 27.95 16.88 24.14
N GLY A 282 27.63 17.46 22.98
CA GLY A 282 28.29 18.65 22.47
C GLY A 282 29.77 18.52 22.17
N GLU A 283 30.18 17.31 21.77
CA GLU A 283 31.57 16.99 21.45
C GLU A 283 31.93 17.14 19.96
N PHE A 284 30.93 16.96 19.10
CA PHE A 284 31.08 17.09 17.66
C PHE A 284 29.80 17.66 17.05
N ARG A 285 29.85 18.03 15.78
CA ARG A 285 28.70 18.60 15.09
C ARG A 285 27.69 17.49 14.77
N VAL A 286 26.41 17.78 15.00
CA VAL A 286 25.32 16.82 14.76
C VAL A 286 24.25 17.51 13.92
N VAL A 287 24.13 17.07 12.67
CA VAL A 287 23.20 17.69 11.72
C VAL A 287 22.24 16.79 10.96
N GLU A 288 21.17 17.41 10.48
CA GLU A 288 20.18 16.75 9.64
C GLU A 288 20.45 17.43 8.29
N ARG A 289 21.04 16.68 7.35
CA ARG A 289 21.41 17.21 6.02
C ARG A 289 21.50 16.10 4.98
N THR A 290 21.23 16.47 3.72
CA THR A 290 21.30 15.57 2.57
C THR A 290 22.71 15.01 2.38
N ILE A 291 22.79 13.69 2.20
CA ILE A 291 24.07 13.00 1.98
C ILE A 291 23.94 12.38 0.60
N THR A 292 24.88 12.69 -0.29
CA THR A 292 24.87 12.14 -1.66
C THR A 292 25.94 11.07 -1.81
N MET A 293 25.78 10.20 -2.80
CA MET A 293 26.77 9.16 -3.06
C MET A 293 28.09 9.77 -3.53
N LYS A 294 28.02 10.90 -4.23
CA LYS A 294 29.19 11.63 -4.72
C LYS A 294 30.03 12.11 -3.53
N GLN A 295 29.34 12.61 -2.49
CA GLN A 295 29.98 13.07 -1.25
C GLN A 295 30.57 11.91 -0.47
N LEU A 296 29.86 10.77 -0.47
CA LEU A 296 30.30 9.57 0.24
C LEU A 296 31.49 8.89 -0.47
N LEU A 297 31.45 8.81 -1.81
CA LEU A 297 32.51 8.21 -2.63
C LEU A 297 33.83 8.95 -2.46
N ARG A 298 33.75 10.29 -2.46
CA ARG A 298 34.90 11.17 -2.30
C ARG A 298 35.49 11.00 -0.90
N ALA A 299 34.61 10.94 0.10
CA ALA A 299 34.99 10.79 1.51
C ALA A 299 35.61 9.45 1.86
N LEU A 300 35.24 8.39 1.12
CA LEU A 300 35.79 7.05 1.33
C LEU A 300 37.20 6.92 0.73
N GLU A 301 37.38 7.55 -0.43
CA GLU A 301 38.67 7.55 -1.15
C GLU A 301 39.71 8.44 -0.48
N GLU A 302 39.21 9.42 0.28
CA GLU A 302 40.06 10.35 1.03
C GLU A 302 40.27 9.87 2.48
N GLY A 303 39.59 8.77 2.82
CA GLY A 303 39.68 8.16 4.14
C GLY A 303 39.08 8.97 5.30
N ARG A 304 38.05 9.75 4.99
CA ARG A 304 37.39 10.61 5.97
C ARG A 304 36.22 9.95 6.71
N VAL A 305 35.71 8.84 6.18
CA VAL A 305 34.58 8.14 6.80
C VAL A 305 35.04 7.25 7.96
N ARG A 306 34.40 7.45 9.10
CA ARG A 306 34.71 6.66 10.29
C ARG A 306 33.72 5.52 10.48
N GLU A 307 32.43 5.84 10.50
CA GLU A 307 31.36 4.84 10.70
C GLU A 307 30.08 5.16 9.93
N VAL A 308 29.37 4.11 9.51
CA VAL A 308 28.08 4.24 8.84
C VAL A 308 27.19 3.20 9.51
N PHE A 309 25.98 3.61 9.87
CA PHE A 309 25.01 2.74 10.53
C PHE A 309 23.54 3.02 10.30
N GLY A 310 22.72 2.02 10.60
CA GLY A 310 21.27 2.11 10.49
C GLY A 310 20.65 2.18 11.88
N SER A 311 19.46 2.75 12.01
CA SER A 311 18.78 2.87 13.31
C SER A 311 17.30 2.55 13.23
N GLY A 312 16.80 1.87 14.26
CA GLY A 312 15.39 1.51 14.32
C GLY A 312 15.07 0.84 15.63
N THR A 313 13.80 0.77 16.02
CA THR A 313 13.36 0.15 17.27
C THR A 313 13.73 -1.34 17.31
N ALA A 314 13.41 -2.05 16.23
CA ALA A 314 13.67 -3.49 16.10
C ALA A 314 15.14 -3.82 15.90
N ALA A 315 15.81 -3.07 15.04
CA ALA A 315 17.21 -3.30 14.70
C ALA A 315 18.25 -2.67 15.62
N GLN A 316 17.82 -1.74 16.48
CA GLN A 316 18.68 -0.99 17.42
C GLN A 316 19.68 -0.12 16.62
N VAL A 317 20.98 -0.42 16.74
CA VAL A 317 22.02 0.31 15.99
C VAL A 317 22.75 -0.78 15.17
N CYS A 318 22.59 -0.69 13.85
CA CYS A 318 23.14 -1.67 12.91
C CYS A 318 24.34 -1.18 12.08
N PRO A 319 25.55 -1.73 12.32
CA PRO A 319 26.77 -1.33 11.58
C PRO A 319 26.78 -1.72 10.10
N VAL A 320 27.40 -0.90 9.26
CA VAL A 320 27.50 -1.14 7.81
C VAL A 320 28.99 -1.24 7.43
N HIS A 321 29.39 -2.34 6.77
CA HIS A 321 30.79 -2.52 6.37
C HIS A 321 31.10 -2.49 4.86
N ARG A 322 30.05 -2.56 4.03
CA ARG A 322 30.22 -2.56 2.58
C ARG A 322 28.98 -2.03 1.86
N ILE A 323 29.22 -1.26 0.80
CA ILE A 323 28.17 -0.72 -0.05
C ILE A 323 28.56 -1.05 -1.50
N LEU A 324 27.65 -1.70 -2.22
CA LEU A 324 27.85 -2.05 -3.62
C LEU A 324 27.10 -1.01 -4.45
N TYR A 325 27.85 -0.06 -4.99
CA TYR A 325 27.31 1.03 -5.80
C TYR A 325 27.97 1.05 -7.18
N LYS A 326 27.13 1.03 -8.21
CA LYS A 326 27.51 1.03 -9.63
C LYS A 326 28.59 0.01 -10.01
N ASP A 327 28.34 -1.24 -9.60
CA ASP A 327 29.21 -2.41 -9.82
C ASP A 327 30.61 -2.28 -9.20
N ARG A 328 30.71 -1.43 -8.17
CA ARG A 328 31.97 -1.21 -7.47
C ARG A 328 31.79 -1.42 -5.98
N ASN A 329 32.68 -2.21 -5.39
CA ASN A 329 32.67 -2.49 -3.96
C ASN A 329 33.31 -1.33 -3.22
N LEU A 330 32.62 -0.86 -2.19
CA LEU A 330 33.11 0.25 -1.38
C LEU A 330 33.18 -0.21 0.06
N HIS A 331 34.39 -0.42 0.57
CA HIS A 331 34.56 -0.84 1.97
C HIS A 331 34.35 0.38 2.86
N ILE A 332 33.50 0.20 3.86
CA ILE A 332 33.20 1.24 4.84
C ILE A 332 33.96 0.77 6.09
N PRO A 333 35.02 1.51 6.50
CA PRO A 333 35.83 1.16 7.68
C PRO A 333 35.20 1.31 9.08
N THR A 334 33.93 0.93 9.19
CA THR A 334 33.16 0.99 10.44
C THR A 334 33.73 0.15 11.59
N MET A 335 33.99 -1.12 11.30
CA MET A 335 34.51 -2.04 12.32
C MET A 335 35.99 -1.87 12.63
N GLU A 336 36.70 -1.18 11.72
CA GLU A 336 38.12 -0.89 11.90
C GLU A 336 38.32 0.37 12.74
N ASN A 337 37.24 1.14 12.88
CA ASN A 337 37.24 2.38 13.67
C ASN A 337 36.55 2.18 15.04
N GLY A 338 36.53 0.93 15.50
CA GLY A 338 35.94 0.60 16.79
C GLY A 338 34.93 -0.53 16.76
N PRO A 339 33.63 -0.27 16.46
CA PRO A 339 32.99 1.00 16.12
C PRO A 339 32.64 1.87 17.35
N GLU A 340 33.52 2.85 17.61
CA GLU A 340 33.44 3.78 18.75
C GLU A 340 32.10 4.45 19.05
N LEU A 341 31.51 5.12 18.06
CA LEU A 341 30.23 5.80 18.25
C LEU A 341 29.06 4.85 18.46
N ILE A 342 29.01 3.78 17.66
CA ILE A 342 27.97 2.76 17.75
C ILE A 342 27.93 2.12 19.14
N LEU A 343 29.11 1.74 19.66
CA LEU A 343 29.21 1.14 20.99
C LEU A 343 28.80 2.12 22.10
N ARG A 344 29.08 3.41 21.90
CA ARG A 344 28.71 4.44 22.88
C ARG A 344 27.21 4.67 22.88
N PHE A 345 26.60 4.68 21.68
CA PHE A 345 25.15 4.84 21.53
C PHE A 345 24.45 3.65 22.17
N GLN A 346 24.97 2.46 21.90
CA GLN A 346 24.43 1.20 22.44
C GLN A 346 24.48 1.14 23.97
N LYS A 347 25.60 1.52 24.58
CA LYS A 347 25.71 1.48 26.04
C LYS A 347 24.85 2.53 26.75
N GLU A 348 24.73 3.74 26.16
CA GLU A 348 23.91 4.80 26.75
C GLU A 348 22.41 4.55 26.59
N LEU A 349 22.03 3.95 25.46
CA LEU A 349 20.62 3.60 25.20
C LEU A 349 20.18 2.48 26.14
N LYS A 350 21.04 1.49 26.35
CA LYS A 350 20.75 0.35 27.24
C LYS A 350 20.62 0.77 28.70
N GLU A 351 21.37 1.82 29.09
CA GLU A 351 21.34 2.37 30.45
C GLU A 351 20.01 3.06 30.74
N ILE A 352 19.49 3.76 29.73
CA ILE A 352 18.21 4.47 29.79
C ILE A 352 17.04 3.49 29.72
N GLN A 353 17.13 2.57 28.76
CA GLN A 353 16.09 1.58 28.51
C GLN A 353 15.82 0.57 29.61
N TYR A 354 16.88 0.01 30.18
CA TYR A 354 16.76 -0.99 31.24
C TYR A 354 16.72 -0.43 32.67
N GLY A 355 16.47 0.87 32.78
CA GLY A 355 16.35 1.56 34.05
C GLY A 355 17.54 1.66 35.01
N ILE A 356 18.76 1.62 34.48
CA ILE A 356 19.98 1.73 35.29
C ILE A 356 20.20 3.22 35.61
N ARG A 357 19.69 4.07 34.74
CA ARG A 357 19.76 5.52 34.85
C ARG A 357 18.36 6.06 34.51
N ALA A 358 17.83 6.93 35.37
CA ALA A 358 16.51 7.53 35.21
C ALA A 358 16.48 8.61 34.13
N HIS A 359 15.45 8.58 33.30
CA HIS A 359 15.28 9.55 32.22
C HIS A 359 13.82 9.91 31.99
N GLU A 360 13.61 11.09 31.42
CA GLU A 360 12.30 11.66 31.09
C GLU A 360 11.69 10.91 29.89
N TRP A 361 12.56 10.18 29.19
CA TRP A 361 12.20 9.39 28.01
C TRP A 361 11.42 8.11 28.30
N MET A 362 11.58 7.58 29.52
CA MET A 362 10.91 6.35 29.91
C MET A 362 9.54 6.55 30.56
N PHE A 363 8.60 5.72 30.14
CA PHE A 363 7.21 5.72 30.62
C PHE A 363 7.00 4.44 31.43
N PRO A 364 6.78 4.57 32.76
CA PRO A 364 6.57 3.39 33.61
C PRO A 364 5.23 2.70 33.38
N VAL A 365 5.27 1.36 33.38
CA VAL A 365 4.07 0.53 33.22
C VAL A 365 3.65 0.08 34.63
N SER B 3 3.30 -26.55 -7.44
CA SER B 3 2.56 -26.25 -8.70
C SER B 3 1.24 -25.55 -8.39
N SER B 4 0.57 -25.05 -9.43
CA SER B 4 -0.70 -24.34 -9.32
C SER B 4 -1.89 -25.20 -8.92
N PHE B 5 -2.94 -24.52 -8.43
CA PHE B 5 -4.19 -25.17 -8.07
C PHE B 5 -4.89 -25.53 -9.37
N LYS B 6 -5.66 -26.60 -9.36
CA LYS B 6 -6.39 -27.04 -10.53
C LYS B 6 -7.87 -26.84 -10.35
N ALA B 7 -8.52 -26.35 -11.41
CA ALA B 7 -9.96 -26.11 -11.41
C ALA B 7 -10.76 -27.41 -11.39
N ALA B 8 -10.09 -28.52 -11.71
CA ALA B 8 -10.69 -29.86 -11.71
C ALA B 8 -10.86 -30.38 -10.28
N ASP B 9 -10.17 -29.74 -9.33
CA ASP B 9 -10.21 -30.09 -7.91
C ASP B 9 -11.19 -29.19 -7.13
N LEU B 10 -11.89 -28.34 -7.88
CA LEU B 10 -12.85 -27.39 -7.33
C LEU B 10 -14.05 -28.03 -6.62
N GLN B 11 -14.15 -27.71 -5.32
CA GLN B 11 -15.21 -28.19 -4.43
C GLN B 11 -16.27 -27.10 -4.32
N LEU B 12 -17.53 -27.50 -4.41
CA LEU B 12 -18.65 -26.57 -4.32
C LEU B 12 -19.55 -26.83 -3.11
N GLU B 13 -19.72 -25.78 -2.29
CA GLU B 13 -20.57 -25.83 -1.10
C GLU B 13 -21.60 -24.72 -1.30
N MET B 14 -22.85 -25.11 -1.53
CA MET B 14 -23.94 -24.18 -1.75
C MET B 14 -24.43 -23.53 -0.46
N THR B 15 -24.91 -22.29 -0.59
CA THR B 15 -25.41 -21.53 0.54
C THR B 15 -26.73 -22.04 1.11
N GLN B 16 -26.83 -22.02 2.43
CA GLN B 16 -28.01 -22.45 3.15
C GLN B 16 -28.85 -21.23 3.51
N LYS B 17 -28.19 -20.08 3.60
CA LYS B 17 -28.84 -18.80 3.93
C LYS B 17 -28.60 -17.79 2.80
N PRO B 18 -29.46 -17.78 1.76
CA PRO B 18 -29.28 -16.84 0.63
C PRO B 18 -29.59 -15.39 0.97
N HIS B 19 -28.84 -14.49 0.35
CA HIS B 19 -29.02 -13.04 0.53
C HIS B 19 -30.14 -12.61 -0.43
N LYS B 20 -30.95 -11.66 0.01
CA LYS B 20 -32.07 -11.15 -0.79
C LYS B 20 -31.58 -10.21 -1.90
N LYS B 21 -31.94 -10.55 -3.14
CA LYS B 21 -31.58 -9.80 -4.33
C LYS B 21 -32.36 -8.48 -4.43
N PRO B 22 -31.69 -7.37 -4.85
CA PRO B 22 -32.35 -6.05 -4.97
C PRO B 22 -33.47 -6.02 -6.02
N GLY B 23 -33.20 -6.65 -7.17
CA GLY B 23 -34.16 -6.71 -8.26
C GLY B 23 -34.14 -5.54 -9.24
N PRO B 24 -34.86 -5.61 -10.37
CA PRO B 24 -34.91 -4.53 -11.38
C PRO B 24 -35.69 -3.30 -10.91
N GLY B 25 -35.06 -2.13 -11.07
CA GLY B 25 -35.66 -0.87 -10.66
C GLY B 25 -34.95 -0.23 -9.49
N GLU B 26 -34.50 -1.07 -8.55
CA GLU B 26 -33.78 -0.65 -7.34
C GLU B 26 -32.35 -0.16 -7.63
N PRO B 27 -31.94 1.01 -7.07
CA PRO B 27 -30.59 1.56 -7.29
C PRO B 27 -29.42 0.78 -6.69
N LEU B 28 -28.59 0.24 -7.57
CA LEU B 28 -27.40 -0.52 -7.19
C LEU B 28 -26.24 0.46 -7.02
N VAL B 29 -25.62 0.41 -5.84
CA VAL B 29 -24.47 1.26 -5.53
C VAL B 29 -23.24 0.39 -5.74
N PHE B 30 -22.20 0.97 -6.33
CA PHE B 30 -20.96 0.27 -6.62
C PHE B 30 -20.28 -0.34 -5.39
N GLY B 31 -20.06 -1.64 -5.46
CA GLY B 31 -19.39 -2.40 -4.41
C GLY B 31 -20.02 -2.50 -3.04
N LYS B 32 -21.34 -2.29 -2.94
CA LYS B 32 -22.03 -2.37 -1.65
C LYS B 32 -22.88 -3.63 -1.49
N THR B 33 -23.25 -4.24 -2.62
CA THR B 33 -24.07 -5.44 -2.63
C THR B 33 -23.25 -6.62 -3.12
N PHE B 34 -23.28 -7.70 -2.35
CA PHE B 34 -22.51 -8.90 -2.66
C PHE B 34 -23.36 -10.13 -2.95
N THR B 35 -22.80 -11.01 -3.76
CA THR B 35 -23.48 -12.24 -4.16
C THR B 35 -23.44 -13.34 -3.09
N ASP B 36 -24.08 -14.47 -3.39
CA ASP B 36 -24.16 -15.58 -2.44
C ASP B 36 -22.92 -16.41 -2.19
N HIS B 37 -22.01 -16.48 -3.16
CA HIS B 37 -20.80 -17.29 -3.04
C HIS B 37 -19.49 -16.56 -3.32
N MET B 38 -18.38 -17.18 -2.91
CA MET B 38 -17.05 -16.62 -3.12
C MET B 38 -16.05 -17.75 -3.38
N LEU B 39 -14.97 -17.41 -4.09
CA LEU B 39 -13.91 -18.38 -4.36
C LEU B 39 -12.85 -18.23 -3.27
N MET B 40 -12.23 -19.34 -2.90
CA MET B 40 -11.18 -19.36 -1.88
C MET B 40 -10.14 -20.43 -2.18
N VAL B 41 -8.88 -20.03 -2.18
CA VAL B 41 -7.77 -20.97 -2.37
C VAL B 41 -6.57 -20.54 -1.54
N GLU B 42 -6.17 -21.47 -0.65
CA GLU B 42 -5.05 -21.27 0.27
C GLU B 42 -3.74 -21.79 -0.29
N TRP B 43 -2.64 -21.19 0.19
CA TRP B 43 -1.28 -21.54 -0.20
C TRP B 43 -0.42 -21.55 1.06
N ASN B 44 0.45 -22.54 1.18
CA ASN B 44 1.40 -22.67 2.28
C ASN B 44 2.69 -23.33 1.77
N ASP B 45 3.49 -23.93 2.67
CA ASP B 45 4.75 -24.59 2.31
C ASP B 45 4.60 -25.83 1.42
N LYS B 46 3.43 -26.48 1.52
CA LYS B 46 3.11 -27.68 0.75
C LYS B 46 2.52 -27.31 -0.63
N GLY B 47 2.52 -26.01 -0.93
CA GLY B 47 1.99 -25.53 -2.20
C GLY B 47 0.54 -25.08 -2.10
N TRP B 48 -0.13 -25.03 -3.25
CA TRP B 48 -1.53 -24.61 -3.31
C TRP B 48 -2.50 -25.71 -2.88
N GLY B 49 -3.55 -25.29 -2.18
CA GLY B 49 -4.59 -26.21 -1.73
C GLY B 49 -5.61 -26.33 -2.86
N GLN B 50 -6.68 -27.07 -2.60
CA GLN B 50 -7.75 -27.24 -3.60
C GLN B 50 -8.66 -26.01 -3.58
N PRO B 51 -9.10 -25.52 -4.77
CA PRO B 51 -9.99 -24.34 -4.81
C PRO B 51 -11.38 -24.70 -4.29
N ARG B 52 -12.01 -23.75 -3.59
CA ARG B 52 -13.34 -23.97 -3.05
C ARG B 52 -14.27 -22.80 -3.29
N ILE B 53 -15.51 -23.13 -3.65
CA ILE B 53 -16.56 -22.13 -3.80
C ILE B 53 -17.38 -22.39 -2.54
N GLN B 54 -17.33 -21.42 -1.63
CA GLN B 54 -18.01 -21.50 -0.34
C GLN B 54 -19.04 -20.37 -0.26
N PRO B 55 -20.00 -20.43 0.71
CA PRO B 55 -20.98 -19.33 0.82
C PRO B 55 -20.29 -18.05 1.24
N PHE B 56 -20.86 -16.90 0.89
CA PHE B 56 -20.30 -15.59 1.27
C PHE B 56 -20.19 -15.53 2.79
N GLN B 57 -18.95 -15.45 3.26
CA GLN B 57 -18.66 -15.43 4.69
C GLN B 57 -17.43 -14.58 4.95
N ASN B 58 -17.24 -14.21 6.21
CA ASN B 58 -16.09 -13.40 6.62
C ASN B 58 -14.79 -14.20 6.59
N LEU B 59 -13.68 -13.48 6.49
CA LEU B 59 -12.35 -14.08 6.49
C LEU B 59 -11.85 -14.11 7.93
N THR B 60 -11.16 -15.19 8.28
CA THR B 60 -10.59 -15.36 9.61
C THR B 60 -9.08 -15.21 9.41
N LEU B 61 -8.55 -14.08 9.86
CA LEU B 61 -7.13 -13.79 9.72
C LEU B 61 -6.42 -13.60 11.05
N HIS B 62 -5.19 -14.08 11.11
CA HIS B 62 -4.33 -13.96 12.30
C HIS B 62 -3.98 -12.46 12.44
N PRO B 63 -3.99 -11.91 13.68
CA PRO B 63 -3.67 -10.49 13.89
C PRO B 63 -2.38 -9.98 13.25
N ALA B 64 -1.41 -10.90 13.09
CA ALA B 64 -0.12 -10.59 12.50
C ALA B 64 -0.04 -10.86 11.00
N SER B 65 -1.19 -11.08 10.35
CA SER B 65 -1.22 -11.36 8.91
C SER B 65 -0.53 -10.25 8.12
N SER B 66 0.46 -10.64 7.33
CA SER B 66 1.26 -9.70 6.52
C SER B 66 0.46 -8.85 5.52
N SER B 67 -0.82 -9.22 5.32
CA SER B 67 -1.74 -8.50 4.44
C SER B 67 -2.19 -7.18 5.09
N LEU B 68 -2.21 -7.18 6.42
CA LEU B 68 -2.66 -6.06 7.23
C LEU B 68 -1.58 -5.15 7.79
N HIS B 69 -0.34 -5.65 7.81
CA HIS B 69 0.78 -4.87 8.34
C HIS B 69 1.67 -4.29 7.27
N TYR B 70 1.98 -5.11 6.26
CA TYR B 70 2.90 -4.69 5.20
C TYR B 70 2.32 -4.63 3.80
N SER B 71 1.00 -4.56 3.72
CA SER B 71 0.27 -4.46 2.45
C SER B 71 0.65 -5.48 1.37
N LEU B 72 0.79 -6.74 1.77
CA LEU B 72 1.07 -7.80 0.82
C LEU B 72 -0.33 -8.16 0.32
N GLN B 73 -0.80 -7.34 -0.61
CA GLN B 73 -2.13 -7.45 -1.19
C GLN B 73 -2.18 -6.84 -2.58
N LEU B 74 -2.99 -7.45 -3.44
CA LEU B 74 -3.20 -6.98 -4.80
C LEU B 74 -4.62 -7.38 -5.16
N PHE B 75 -5.13 -6.76 -6.22
CA PHE B 75 -6.48 -7.06 -6.65
C PHE B 75 -6.63 -6.85 -8.14
N GLU B 76 -7.77 -7.33 -8.64
CA GLU B 76 -8.13 -7.16 -10.03
C GLU B 76 -9.55 -6.66 -10.10
N GLY B 77 -9.94 -6.22 -11.29
CA GLY B 77 -11.28 -5.73 -11.51
C GLY B 77 -11.69 -5.93 -12.95
N MET B 78 -12.72 -6.76 -13.16
CA MET B 78 -13.26 -7.02 -14.48
C MET B 78 -14.77 -7.22 -14.37
N LYS B 79 -15.44 -7.16 -15.51
CA LYS B 79 -16.90 -7.31 -15.53
C LYS B 79 -17.43 -8.44 -16.38
N ALA B 80 -18.53 -9.02 -15.88
CA ALA B 80 -19.27 -10.09 -16.55
C ALA B 80 -20.57 -9.40 -16.98
N PHE B 81 -20.96 -9.60 -18.24
CA PHE B 81 -22.15 -8.96 -18.81
C PHE B 81 -23.19 -9.96 -19.27
N LYS B 82 -24.45 -9.64 -19.03
CA LYS B 82 -25.58 -10.50 -19.42
C LYS B 82 -26.35 -9.84 -20.55
N GLY B 83 -26.38 -10.54 -21.70
CA GLY B 83 -27.10 -10.07 -22.87
C GLY B 83 -28.59 -10.34 -22.72
N LYS B 84 -29.37 -9.86 -23.68
CA LYS B 84 -30.84 -10.02 -23.66
C LYS B 84 -31.35 -11.45 -23.76
N ASP B 85 -30.54 -12.33 -24.33
CA ASP B 85 -30.86 -13.75 -24.48
C ASP B 85 -30.31 -14.59 -23.29
N GLN B 86 -30.06 -13.90 -22.18
CA GLN B 86 -29.56 -14.45 -20.91
C GLN B 86 -28.14 -15.06 -20.83
N GLN B 87 -27.33 -14.86 -21.87
CA GLN B 87 -25.97 -15.38 -21.90
C GLN B 87 -24.98 -14.43 -21.22
N VAL B 88 -24.18 -14.98 -20.30
CA VAL B 88 -23.19 -14.20 -19.56
C VAL B 88 -21.80 -14.37 -20.19
N ARG B 89 -21.11 -13.24 -20.36
CA ARG B 89 -19.78 -13.19 -20.97
C ARG B 89 -18.83 -12.23 -20.23
N LEU B 90 -17.56 -12.61 -20.15
CA LEU B 90 -16.51 -11.80 -19.52
C LEU B 90 -15.73 -11.04 -20.60
N PHE B 91 -15.31 -9.81 -20.30
CA PHE B 91 -14.56 -8.98 -21.24
C PHE B 91 -13.04 -9.10 -21.07
N ARG B 92 -12.38 -9.66 -22.09
CA ARG B 92 -10.91 -9.86 -22.13
C ARG B 92 -10.31 -10.29 -20.78
N PRO B 93 -10.86 -11.34 -20.12
CA PRO B 93 -10.34 -11.76 -18.81
C PRO B 93 -8.89 -12.22 -18.75
N TRP B 94 -8.35 -12.64 -19.90
CA TRP B 94 -6.97 -13.10 -20.02
C TRP B 94 -5.98 -12.00 -19.66
N LEU B 95 -6.33 -10.76 -20.02
CA LEU B 95 -5.50 -9.60 -19.71
C LEU B 95 -5.46 -9.29 -18.20
N ASN B 96 -6.59 -9.54 -17.52
CA ASN B 96 -6.67 -9.33 -16.07
C ASN B 96 -5.85 -10.40 -15.36
N MET B 97 -5.87 -11.63 -15.91
CA MET B 97 -5.11 -12.75 -15.36
C MET B 97 -3.61 -12.51 -15.52
N ASP B 98 -3.23 -11.94 -16.67
CA ASP B 98 -1.84 -11.58 -17.00
C ASP B 98 -1.35 -10.53 -16.01
N ARG B 99 -2.18 -9.50 -15.82
CA ARG B 99 -1.88 -8.38 -14.92
C ARG B 99 -1.82 -8.82 -13.45
N MET B 100 -2.71 -9.73 -13.07
CA MET B 100 -2.78 -10.25 -11.70
C MET B 100 -1.50 -11.01 -11.35
N LEU B 101 -0.98 -11.75 -12.33
CA LEU B 101 0.25 -12.52 -12.14
C LEU B 101 1.46 -11.60 -12.03
N ARG B 102 1.46 -10.50 -12.80
CA ARG B 102 2.56 -9.52 -12.75
C ARG B 102 2.58 -8.86 -11.37
N SER B 103 1.39 -8.58 -10.83
CA SER B 103 1.25 -7.98 -9.49
C SER B 103 1.75 -8.96 -8.43
N ALA B 104 1.43 -10.25 -8.60
CA ALA B 104 1.86 -11.31 -7.68
C ALA B 104 3.38 -11.43 -7.59
N MET B 105 4.04 -11.36 -8.74
CA MET B 105 5.50 -11.44 -8.80
C MET B 105 6.19 -10.26 -8.15
N ARG B 106 5.58 -9.09 -8.28
CA ARG B 106 6.14 -7.86 -7.71
C ARG B 106 6.10 -7.85 -6.18
N LEU B 107 5.12 -8.53 -5.59
CA LEU B 107 4.98 -8.59 -4.14
C LEU B 107 5.46 -9.91 -3.53
N CYS B 108 6.14 -10.71 -4.34
CA CYS B 108 6.67 -12.02 -3.93
C CYS B 108 5.59 -12.97 -3.41
N LEU B 109 4.41 -12.86 -4.02
CA LEU B 109 3.27 -13.71 -3.70
C LEU B 109 3.29 -14.87 -4.71
N PRO B 110 2.72 -16.04 -4.34
CA PRO B 110 2.72 -17.21 -5.23
C PRO B 110 2.10 -17.13 -6.62
N SER B 111 2.81 -17.73 -7.58
CA SER B 111 2.34 -17.81 -8.96
C SER B 111 1.28 -18.88 -9.07
N PHE B 112 0.43 -18.72 -10.07
CA PHE B 112 -0.64 -19.66 -10.36
C PHE B 112 -0.83 -19.70 -11.86
N ASP B 113 -1.58 -20.69 -12.35
CA ASP B 113 -1.84 -20.79 -13.78
C ASP B 113 -3.07 -19.94 -14.11
N LYS B 114 -2.85 -19.01 -15.02
CA LYS B 114 -3.85 -18.05 -15.49
C LYS B 114 -5.18 -18.65 -15.97
N LEU B 115 -5.11 -19.78 -16.66
CA LEU B 115 -6.31 -20.45 -17.17
C LEU B 115 -7.06 -21.24 -16.11
N GLU B 116 -6.34 -21.68 -15.08
CA GLU B 116 -6.96 -22.42 -13.97
C GLU B 116 -7.76 -21.46 -13.10
N LEU B 117 -7.22 -20.25 -12.89
CA LEU B 117 -7.95 -19.23 -12.12
C LEU B 117 -9.16 -18.76 -12.93
N LEU B 118 -8.98 -18.59 -14.25
CA LEU B 118 -10.07 -18.16 -15.13
C LEU B 118 -11.24 -19.16 -15.07
N GLU B 119 -10.93 -20.46 -15.04
CA GLU B 119 -11.96 -21.49 -14.97
C GLU B 119 -12.65 -21.50 -13.60
N CYS B 120 -11.89 -21.18 -12.55
CA CYS B 120 -12.45 -21.12 -11.19
C CYS B 120 -13.42 -19.94 -11.08
N ILE B 121 -13.04 -18.82 -11.70
CA ILE B 121 -13.88 -17.60 -11.73
C ILE B 121 -15.13 -17.84 -12.58
N ARG B 122 -14.96 -18.59 -13.68
CA ARG B 122 -16.07 -18.90 -14.58
C ARG B 122 -17.14 -19.73 -13.87
N ARG B 123 -16.69 -20.72 -13.10
CA ARG B 123 -17.60 -21.58 -12.33
C ARG B 123 -18.30 -20.82 -11.21
N LEU B 124 -17.60 -19.83 -10.63
CA LEU B 124 -18.16 -18.99 -9.57
C LEU B 124 -19.30 -18.11 -10.11
N ILE B 125 -19.08 -17.53 -11.28
CA ILE B 125 -20.09 -16.69 -11.92
C ILE B 125 -21.29 -17.54 -12.35
N GLU B 126 -21.02 -18.78 -12.78
CA GLU B 126 -22.05 -19.73 -13.20
C GLU B 126 -22.98 -20.11 -12.03
N VAL B 127 -22.40 -20.26 -10.84
CA VAL B 127 -23.16 -20.59 -9.62
C VAL B 127 -24.05 -19.40 -9.22
N ASP B 128 -23.51 -18.18 -9.35
CA ASP B 128 -24.23 -16.96 -9.03
C ASP B 128 -24.77 -16.22 -10.27
N LYS B 129 -25.09 -16.99 -11.31
CA LYS B 129 -25.59 -16.45 -12.60
C LYS B 129 -26.81 -15.54 -12.53
N ASP B 130 -27.76 -15.87 -11.64
CA ASP B 130 -28.98 -15.09 -11.47
C ASP B 130 -28.75 -13.74 -10.79
N TRP B 131 -27.52 -13.51 -10.34
CA TRP B 131 -27.13 -12.25 -9.70
C TRP B 131 -26.66 -11.22 -10.72
N VAL B 132 -26.29 -11.69 -11.91
CA VAL B 132 -25.82 -10.82 -13.00
C VAL B 132 -27.07 -10.11 -13.55
N PRO B 133 -27.13 -8.77 -13.45
CA PRO B 133 -28.28 -8.00 -13.94
C PRO B 133 -28.27 -7.87 -15.48
N ASP B 134 -29.44 -7.61 -16.06
CA ASP B 134 -29.57 -7.48 -17.52
C ASP B 134 -30.11 -6.15 -18.05
N ALA B 135 -30.31 -5.18 -17.16
CA ALA B 135 -30.79 -3.86 -17.57
C ALA B 135 -29.65 -3.12 -18.27
N ALA B 136 -29.99 -2.11 -19.07
CA ALA B 136 -29.02 -1.32 -19.83
C ALA B 136 -27.85 -0.76 -19.01
N GLY B 137 -26.64 -1.04 -19.46
CA GLY B 137 -25.44 -0.57 -18.79
C GLY B 137 -25.01 -1.28 -17.51
N THR B 138 -25.80 -2.25 -17.05
CA THR B 138 -25.49 -2.97 -15.81
C THR B 138 -24.55 -4.17 -16.02
N SER B 139 -23.93 -4.63 -14.95
CA SER B 139 -22.99 -5.74 -15.01
C SER B 139 -22.69 -6.34 -13.65
N LEU B 140 -21.89 -7.40 -13.66
CA LEU B 140 -21.45 -8.05 -12.43
C LEU B 140 -19.95 -7.76 -12.33
N TYR B 141 -19.56 -6.99 -11.31
CA TYR B 141 -18.17 -6.66 -11.08
C TYR B 141 -17.49 -7.83 -10.38
N VAL B 142 -16.38 -8.30 -10.95
CA VAL B 142 -15.60 -9.42 -10.44
C VAL B 142 -14.36 -8.88 -9.74
N ARG B 143 -14.19 -9.25 -8.47
CA ARG B 143 -13.05 -8.80 -7.68
C ARG B 143 -12.12 -9.87 -7.10
N PRO B 144 -11.09 -10.29 -7.88
CA PRO B 144 -10.11 -11.30 -7.43
C PRO B 144 -9.11 -10.57 -6.55
N VAL B 145 -8.68 -11.21 -5.46
CA VAL B 145 -7.71 -10.63 -4.53
C VAL B 145 -6.73 -11.71 -4.11
N LEU B 146 -5.46 -11.34 -3.99
CA LEU B 146 -4.42 -12.25 -3.52
C LEU B 146 -3.68 -11.51 -2.40
N ILE B 147 -3.69 -12.12 -1.22
CA ILE B 147 -3.05 -11.53 -0.05
C ILE B 147 -2.03 -12.44 0.63
N GLY B 148 -1.04 -11.81 1.28
CA GLY B 148 -0.06 -12.56 2.06
C GLY B 148 -0.77 -12.88 3.36
N ASN B 149 -0.49 -14.02 3.99
CA ASN B 149 -1.20 -14.39 5.22
C ASN B 149 -0.28 -15.03 6.27
N GLU B 150 0.97 -14.58 6.27
CA GLU B 150 2.00 -15.06 7.18
C GLU B 150 1.86 -14.43 8.58
N PRO B 151 1.74 -15.26 9.65
CA PRO B 151 1.62 -14.77 11.03
C PRO B 151 2.97 -14.30 11.61
N SER B 152 3.58 -13.33 10.95
CA SER B 152 4.88 -12.79 11.34
C SER B 152 5.01 -11.30 11.08
N LEU B 153 5.68 -10.62 12.02
CA LEU B 153 5.92 -9.19 11.92
C LEU B 153 7.23 -8.88 11.18
N GLY B 154 7.86 -9.90 10.62
CA GLY B 154 9.09 -9.71 9.86
C GLY B 154 8.73 -9.32 8.43
N VAL B 155 9.36 -8.27 7.89
CA VAL B 155 9.10 -7.83 6.51
C VAL B 155 9.83 -8.80 5.59
N SER B 156 9.09 -9.80 5.09
CA SER B 156 9.65 -10.83 4.22
C SER B 156 8.58 -11.46 3.31
N GLN B 157 9.04 -12.37 2.46
CA GLN B 157 8.18 -13.11 1.52
C GLN B 157 7.27 -14.02 2.34
N PRO B 158 5.94 -13.90 2.15
CA PRO B 158 4.98 -14.73 2.90
C PRO B 158 5.12 -16.21 2.61
N ARG B 159 4.99 -17.00 3.67
CA ARG B 159 5.08 -18.46 3.59
C ARG B 159 3.65 -19.02 3.56
N ARG B 160 2.68 -18.11 3.61
CA ARG B 160 1.27 -18.45 3.57
C ARG B 160 0.55 -17.35 2.81
N ALA B 161 -0.42 -17.74 1.97
CA ALA B 161 -1.19 -16.77 1.19
C ALA B 161 -2.61 -17.23 0.95
N LEU B 162 -3.46 -16.29 0.53
CA LEU B 162 -4.85 -16.59 0.25
C LEU B 162 -5.34 -15.86 -0.98
N LEU B 163 -5.99 -16.58 -1.88
CA LEU B 163 -6.57 -15.97 -3.07
C LEU B 163 -8.08 -16.12 -2.91
N PHE B 164 -8.79 -15.02 -3.05
CA PHE B 164 -10.24 -15.04 -2.97
C PHE B 164 -10.88 -14.17 -4.03
N VAL B 165 -12.10 -14.50 -4.42
CA VAL B 165 -12.83 -13.73 -5.43
C VAL B 165 -14.25 -13.48 -4.96
N ILE B 166 -14.65 -12.22 -4.96
CA ILE B 166 -16.02 -11.82 -4.57
C ILE B 166 -16.68 -11.10 -5.75
N LEU B 167 -18.00 -11.15 -5.79
CA LEU B 167 -18.78 -10.56 -6.89
C LEU B 167 -19.80 -9.54 -6.43
N CYS B 168 -19.97 -8.49 -7.24
CA CYS B 168 -20.90 -7.40 -6.94
C CYS B 168 -21.75 -6.96 -8.13
N PRO B 169 -23.10 -7.03 -8.01
CA PRO B 169 -23.93 -6.58 -9.13
C PRO B 169 -23.87 -5.04 -9.09
N VAL B 170 -23.55 -4.44 -10.23
CA VAL B 170 -23.44 -2.98 -10.29
C VAL B 170 -24.36 -2.41 -11.34
N GLY B 171 -24.85 -1.19 -11.09
CA GLY B 171 -25.74 -0.53 -12.02
C GLY B 171 -25.00 0.19 -13.12
N ALA B 172 -25.76 0.90 -13.96
CA ALA B 172 -25.20 1.67 -15.06
C ALA B 172 -24.40 2.84 -14.51
N TYR B 173 -23.20 3.07 -15.08
CA TYR B 173 -22.34 4.18 -14.62
C TYR B 173 -23.00 5.51 -15.04
N PHE B 174 -23.65 5.50 -16.20
CA PHE B 174 -24.38 6.65 -16.73
C PHE B 174 -25.85 6.20 -16.79
N PRO B 175 -26.62 6.36 -15.69
CA PRO B 175 -28.03 5.94 -15.68
C PRO B 175 -28.92 6.64 -16.70
N GLY B 176 -29.66 5.82 -17.46
CA GLY B 176 -30.54 6.33 -18.50
C GLY B 176 -29.86 6.33 -19.86
N GLY B 177 -28.53 6.16 -19.85
CA GLY B 177 -27.75 6.13 -21.07
C GLY B 177 -27.06 7.44 -21.43
N SER B 178 -27.45 8.53 -20.78
CA SER B 178 -26.88 9.87 -21.03
C SER B 178 -25.48 10.05 -20.44
N VAL B 179 -24.51 10.22 -21.33
CA VAL B 179 -23.11 10.39 -20.98
C VAL B 179 -22.85 11.78 -20.36
N THR B 180 -22.25 11.77 -19.17
CA THR B 180 -21.95 12.99 -18.40
C THR B 180 -20.44 13.16 -18.10
N PRO B 181 -19.92 14.41 -18.17
CA PRO B 181 -18.50 14.63 -17.90
C PRO B 181 -18.05 14.87 -16.45
N VAL B 182 -16.73 14.79 -16.24
CA VAL B 182 -16.13 15.01 -14.93
C VAL B 182 -15.14 16.17 -14.95
N SER B 183 -15.11 16.91 -13.85
CA SER B 183 -14.21 18.05 -13.65
C SER B 183 -13.04 17.53 -12.83
N LEU B 184 -11.83 17.95 -13.18
CA LEU B 184 -10.61 17.48 -12.52
C LEU B 184 -9.74 18.52 -11.81
N LEU B 185 -9.15 18.12 -10.68
CA LEU B 185 -8.23 19.01 -9.96
C LEU B 185 -6.81 18.54 -10.30
N ALA B 186 -6.00 19.48 -10.80
CA ALA B 186 -4.62 19.21 -11.19
C ALA B 186 -3.63 20.00 -10.33
N ASP B 187 -3.14 19.35 -9.27
CA ASP B 187 -2.19 19.95 -8.34
C ASP B 187 -0.96 19.02 -8.25
N PRO B 188 0.22 19.49 -8.70
CA PRO B 188 1.48 18.72 -8.69
C PRO B 188 2.06 18.32 -7.33
N ALA B 189 1.47 18.84 -6.25
CA ALA B 189 1.92 18.55 -4.88
C ALA B 189 1.65 17.11 -4.47
N PHE B 190 0.63 16.50 -5.09
CA PHE B 190 0.25 15.13 -4.80
C PHE B 190 0.70 14.24 -5.96
N ILE B 191 1.46 13.19 -5.65
CA ILE B 191 1.97 12.26 -6.66
C ILE B 191 1.47 10.84 -6.39
N ARG B 192 0.87 10.23 -7.42
CA ARG B 192 0.32 8.87 -7.36
C ARG B 192 1.38 7.77 -7.40
N ALA B 193 2.34 7.96 -8.31
CA ALA B 193 3.43 7.00 -8.54
C ALA B 193 4.70 7.68 -9.04
N TRP B 194 5.80 6.94 -8.98
CA TRP B 194 7.12 7.42 -9.41
C TRP B 194 7.78 6.35 -10.26
N VAL B 195 8.67 6.77 -11.18
CA VAL B 195 9.42 5.85 -12.04
C VAL B 195 10.37 5.10 -11.11
N GLY B 196 10.22 3.78 -11.09
CA GLY B 196 11.01 2.93 -10.22
C GLY B 196 10.15 2.48 -9.06
N GLY B 197 8.88 2.92 -9.10
CA GLY B 197 7.91 2.59 -8.07
C GLY B 197 7.04 1.41 -8.47
N VAL B 198 5.81 1.39 -7.96
CA VAL B 198 4.87 0.31 -8.22
C VAL B 198 3.51 0.72 -8.78
N GLY B 199 3.44 1.92 -9.37
CA GLY B 199 2.20 2.42 -9.93
C GLY B 199 1.65 1.67 -11.13
N ASN B 200 2.50 0.90 -11.80
CA ASN B 200 2.11 0.09 -12.95
C ASN B 200 1.53 -1.27 -12.59
N TYR B 201 1.31 -1.50 -11.30
CA TYR B 201 0.72 -2.76 -10.80
C TYR B 201 -0.52 -2.40 -9.98
N LYS B 202 -1.54 -3.26 -10.01
CA LYS B 202 -2.76 -3.01 -9.25
C LYS B 202 -2.60 -3.53 -7.81
N LEU B 203 -1.81 -2.80 -7.04
CA LEU B 203 -1.53 -3.14 -5.64
C LEU B 203 -2.33 -2.23 -4.74
N GLY B 204 -2.84 -2.80 -3.65
CA GLY B 204 -3.63 -2.03 -2.68
C GLY B 204 -2.95 -0.76 -2.20
N GLY B 205 -1.63 -0.85 -2.01
CA GLY B 205 -0.79 0.26 -1.56
C GLY B 205 -0.83 1.55 -2.39
N ASN B 206 -1.20 1.43 -3.66
CA ASN B 206 -1.28 2.60 -4.54
C ASN B 206 -2.57 3.41 -4.37
N TYR B 207 -3.58 2.82 -3.72
CA TYR B 207 -4.91 3.46 -3.58
C TYR B 207 -5.24 4.16 -2.28
N GLY B 208 -4.80 3.59 -1.15
CA GLY B 208 -5.03 4.20 0.14
C GLY B 208 -4.59 5.67 0.22
N PRO B 209 -3.39 6.04 -0.27
CA PRO B 209 -2.93 7.44 -0.23
C PRO B 209 -3.77 8.41 -1.07
N THR B 210 -4.59 7.90 -1.99
CA THR B 210 -5.42 8.74 -2.87
C THR B 210 -6.70 9.26 -2.22
N VAL B 211 -7.12 8.63 -1.13
CA VAL B 211 -8.34 9.01 -0.42
C VAL B 211 -8.39 10.47 0.03
N LEU B 212 -7.31 10.95 0.66
CA LEU B 212 -7.20 12.33 1.13
C LEU B 212 -7.17 13.33 -0.02
N VAL B 213 -6.49 12.95 -1.11
CA VAL B 213 -6.37 13.81 -2.30
C VAL B 213 -7.71 13.96 -3.01
N GLN B 214 -8.47 12.87 -3.07
CA GLN B 214 -9.81 12.86 -3.69
C GLN B 214 -10.78 13.74 -2.89
N GLN B 215 -10.64 13.74 -1.57
CA GLN B 215 -11.47 14.56 -0.69
C GLN B 215 -11.18 16.04 -0.90
N GLU B 216 -9.91 16.35 -1.19
CA GLU B 216 -9.45 17.72 -1.45
C GLU B 216 -10.00 18.20 -2.80
N ALA B 217 -10.17 17.26 -3.74
CA ALA B 217 -10.71 17.56 -5.06
C ALA B 217 -12.21 17.85 -4.93
N LEU B 218 -12.88 17.10 -4.05
CA LEU B 218 -14.32 17.25 -3.79
C LEU B 218 -14.64 18.53 -3.03
N LYS B 219 -13.74 18.94 -2.14
CA LYS B 219 -13.90 20.18 -1.35
C LYS B 219 -13.71 21.40 -2.25
N ARG B 220 -12.94 21.21 -3.33
CA ARG B 220 -12.66 22.25 -4.32
C ARG B 220 -13.70 22.29 -5.46
N GLY B 221 -14.72 21.43 -5.37
CA GLY B 221 -15.78 21.38 -6.37
C GLY B 221 -15.59 20.48 -7.58
N CYS B 222 -14.52 19.69 -7.57
CA CYS B 222 -14.23 18.77 -8.67
C CYS B 222 -14.71 17.37 -8.35
N GLU B 223 -14.88 16.55 -9.38
CA GLU B 223 -15.34 15.18 -9.21
C GLU B 223 -14.16 14.24 -8.94
N GLN B 224 -13.07 14.45 -9.68
CA GLN B 224 -11.88 13.61 -9.59
C GLN B 224 -10.54 14.36 -9.65
N VAL B 225 -9.46 13.61 -9.55
CA VAL B 225 -8.12 14.18 -9.59
C VAL B 225 -7.35 13.83 -10.86
N LEU B 226 -6.70 14.84 -11.45
CA LEU B 226 -5.84 14.61 -12.61
C LEU B 226 -4.45 14.43 -12.01
N TRP B 227 -3.90 13.23 -12.13
CA TRP B 227 -2.59 12.93 -11.58
C TRP B 227 -1.43 13.39 -12.46
N LEU B 228 -0.71 14.40 -11.97
CA LEU B 228 0.43 14.97 -12.69
C LEU B 228 1.76 14.39 -12.22
N TYR B 229 2.69 14.21 -13.15
CA TYR B 229 4.01 13.65 -12.83
C TYR B 229 5.17 14.45 -13.41
N GLY B 230 6.23 14.56 -12.62
CA GLY B 230 7.46 15.24 -13.00
C GLY B 230 7.42 16.76 -13.01
N PRO B 231 8.57 17.44 -13.17
CA PRO B 231 8.61 18.91 -13.20
C PRO B 231 7.90 19.51 -14.41
N ASP B 232 7.70 18.68 -15.43
CA ASP B 232 7.04 19.07 -16.67
C ASP B 232 5.52 18.84 -16.66
N HIS B 233 5.00 18.37 -15.52
CA HIS B 233 3.56 18.12 -15.32
C HIS B 233 2.90 17.22 -16.38
N GLN B 234 3.39 15.99 -16.44
CA GLN B 234 2.89 14.97 -17.36
C GLN B 234 1.56 14.45 -16.86
N LEU B 235 0.55 14.41 -17.74
CA LEU B 235 -0.78 13.89 -17.38
C LEU B 235 -0.65 12.38 -17.39
N THR B 236 -0.97 11.74 -16.26
CA THR B 236 -0.84 10.31 -16.17
C THR B 236 -2.15 9.54 -16.07
N GLU B 237 -2.94 9.85 -15.04
CA GLU B 237 -4.21 9.17 -14.80
C GLU B 237 -5.28 10.19 -14.39
N VAL B 238 -6.53 9.79 -14.56
CA VAL B 238 -7.71 10.59 -14.18
C VAL B 238 -8.33 9.71 -13.09
N GLY B 239 -8.06 10.03 -11.83
CA GLY B 239 -8.57 9.22 -10.72
C GLY B 239 -7.96 7.83 -10.81
N THR B 240 -8.81 6.82 -11.06
CA THR B 240 -8.38 5.43 -11.23
C THR B 240 -8.65 4.98 -12.67
N MET B 241 -8.53 5.93 -13.61
CA MET B 241 -8.74 5.70 -15.03
C MET B 241 -7.54 6.15 -15.84
N ASN B 242 -7.32 5.55 -17.00
CA ASN B 242 -6.22 5.96 -17.89
C ASN B 242 -6.72 7.19 -18.67
N ILE B 243 -5.81 8.06 -19.10
CA ILE B 243 -6.21 9.27 -19.83
C ILE B 243 -5.91 9.23 -21.31
N PHE B 244 -6.85 9.76 -22.10
CA PHE B 244 -6.75 9.86 -23.54
C PHE B 244 -7.07 11.28 -23.99
N VAL B 245 -6.41 11.72 -25.05
CA VAL B 245 -6.64 13.05 -25.62
C VAL B 245 -6.81 12.85 -27.14
N TYR B 246 -7.88 13.41 -27.68
CA TYR B 246 -8.19 13.35 -29.11
C TYR B 246 -8.00 14.79 -29.56
N TRP B 247 -6.97 15.00 -30.39
CA TRP B 247 -6.62 16.35 -30.86
C TRP B 247 -5.90 16.37 -32.20
N THR B 248 -5.65 17.58 -32.69
CA THR B 248 -4.88 17.80 -33.90
C THR B 248 -3.54 18.18 -33.28
N HIS B 249 -2.53 17.33 -33.50
CA HIS B 249 -1.18 17.53 -32.94
C HIS B 249 -0.45 18.74 -33.53
N GLU B 250 0.72 19.04 -32.97
CA GLU B 250 1.59 20.16 -33.38
C GLU B 250 2.00 20.11 -34.86
N ASP B 251 1.96 18.90 -35.43
CA ASP B 251 2.30 18.68 -36.83
C ASP B 251 1.12 18.80 -37.80
N GLY B 252 -0.09 18.97 -37.24
CA GLY B 252 -1.30 19.11 -38.04
C GLY B 252 -2.06 17.84 -38.32
N VAL B 253 -1.61 16.72 -37.75
CA VAL B 253 -2.23 15.43 -37.96
C VAL B 253 -3.19 15.09 -36.81
N LEU B 254 -4.40 14.66 -37.17
CA LEU B 254 -5.43 14.28 -36.20
C LEU B 254 -5.00 12.97 -35.53
N GLU B 255 -4.97 12.98 -34.20
CA GLU B 255 -4.55 11.80 -33.44
C GLU B 255 -5.22 11.57 -32.10
N LEU B 256 -5.12 10.32 -31.65
CA LEU B 256 -5.60 9.89 -30.35
C LEU B 256 -4.31 9.52 -29.64
N VAL B 257 -4.04 10.18 -28.52
CA VAL B 257 -2.82 9.92 -27.76
C VAL B 257 -3.14 9.57 -26.31
N THR B 258 -2.34 8.66 -25.77
CA THR B 258 -2.43 8.22 -24.38
C THR B 258 -1.00 8.07 -23.89
N PRO B 259 -0.73 8.31 -22.58
CA PRO B 259 0.64 8.18 -22.06
C PRO B 259 1.22 6.77 -22.24
N PRO B 260 2.55 6.65 -22.50
CA PRO B 260 3.13 5.32 -22.67
C PRO B 260 3.37 4.61 -21.35
N LEU B 261 3.55 3.30 -21.43
CA LEU B 261 3.78 2.40 -20.31
C LEU B 261 5.24 2.54 -19.82
N ASN B 262 5.54 3.69 -19.20
CA ASN B 262 6.87 4.02 -18.70
C ASN B 262 7.15 3.72 -17.23
N GLY B 263 6.16 3.14 -16.55
CA GLY B 263 6.30 2.80 -15.14
C GLY B 263 5.29 3.43 -14.19
N VAL B 264 4.79 4.62 -14.54
CA VAL B 264 3.82 5.33 -13.70
C VAL B 264 2.37 5.16 -14.16
N ILE B 265 2.18 4.43 -15.27
CA ILE B 265 0.84 4.19 -15.83
C ILE B 265 0.40 2.76 -15.61
N LEU B 266 -0.82 2.59 -15.12
CA LEU B 266 -1.38 1.25 -14.92
C LEU B 266 -1.86 0.80 -16.32
N PRO B 267 -1.39 -0.38 -16.80
CA PRO B 267 -1.78 -0.90 -18.12
C PRO B 267 -3.23 -1.35 -18.13
N GLY B 268 -4.14 -0.40 -18.37
CA GLY B 268 -5.56 -0.71 -18.37
C GLY B 268 -6.04 -1.60 -19.50
N VAL B 269 -6.99 -2.48 -19.20
CA VAL B 269 -7.56 -3.38 -20.20
C VAL B 269 -8.41 -2.56 -21.19
N VAL B 270 -9.17 -1.60 -20.66
CA VAL B 270 -10.01 -0.75 -21.52
C VAL B 270 -9.09 0.16 -22.36
N ARG B 271 -8.00 0.61 -21.76
CA ARG B 271 -6.99 1.45 -22.43
C ARG B 271 -6.43 0.71 -23.65
N GLN B 272 -6.06 -0.56 -23.46
CA GLN B 272 -5.51 -1.38 -24.53
C GLN B 272 -6.56 -1.66 -25.61
N SER B 273 -7.81 -1.82 -25.17
CA SER B 273 -8.94 -2.07 -26.07
C SER B 273 -9.25 -0.89 -26.98
N LEU B 274 -9.13 0.33 -26.44
CA LEU B 274 -9.39 1.55 -27.20
C LEU B 274 -8.29 1.78 -28.23
N LEU B 275 -7.06 1.42 -27.85
CA LEU B 275 -5.90 1.54 -28.73
C LEU B 275 -6.03 0.53 -29.87
N ASP B 276 -6.43 -0.70 -29.52
CA ASP B 276 -6.61 -1.78 -30.51
C ASP B 276 -7.71 -1.46 -31.51
N MET B 277 -8.84 -0.96 -30.99
CA MET B 277 -10.01 -0.60 -31.79
C MET B 277 -9.78 0.57 -32.73
N ALA B 278 -9.09 1.60 -32.22
CA ALA B 278 -8.77 2.80 -33.00
C ALA B 278 -7.78 2.47 -34.11
N GLN B 279 -6.83 1.57 -33.81
CA GLN B 279 -5.83 1.11 -34.78
C GLN B 279 -6.46 0.27 -35.91
N THR B 280 -7.49 -0.50 -35.55
CA THR B 280 -8.24 -1.36 -36.49
C THR B 280 -9.02 -0.53 -37.51
N TRP B 281 -9.57 0.60 -37.05
CA TRP B 281 -10.33 1.51 -37.91
C TRP B 281 -9.41 2.20 -38.92
N GLY B 282 -8.24 2.61 -38.45
CA GLY B 282 -7.22 3.28 -39.27
C GLY B 282 -7.65 4.57 -39.95
N GLU B 283 -8.46 5.35 -39.23
CA GLU B 283 -8.98 6.63 -39.72
C GLU B 283 -8.17 7.84 -39.27
N PHE B 284 -7.42 7.65 -38.17
CA PHE B 284 -6.56 8.69 -37.58
C PHE B 284 -5.34 8.03 -36.93
N ARG B 285 -4.33 8.83 -36.61
CA ARG B 285 -3.10 8.34 -35.97
C ARG B 285 -3.38 7.96 -34.51
N VAL B 286 -2.86 6.81 -34.10
CA VAL B 286 -3.02 6.33 -32.72
C VAL B 286 -1.59 6.18 -32.20
N VAL B 287 -1.30 6.86 -31.10
CA VAL B 287 0.05 6.84 -30.55
C VAL B 287 0.09 6.89 -29.03
N GLU B 288 1.19 6.35 -28.49
CA GLU B 288 1.44 6.35 -27.06
C GLU B 288 2.61 7.31 -26.89
N ARG B 289 2.32 8.48 -26.32
CA ARG B 289 3.32 9.53 -26.12
C ARG B 289 2.94 10.38 -24.90
N THR B 290 3.98 10.90 -24.25
CA THR B 290 3.84 11.75 -23.06
C THR B 290 3.08 13.03 -23.41
N ILE B 291 2.12 13.38 -22.53
CA ILE B 291 1.28 14.57 -22.68
C ILE B 291 1.56 15.45 -21.46
N THR B 292 1.94 16.70 -21.70
CA THR B 292 2.24 17.64 -20.61
C THR B 292 1.16 18.69 -20.51
N MET B 293 1.11 19.40 -19.39
CA MET B 293 0.13 20.46 -19.19
C MET B 293 0.35 21.65 -20.10
N LYS B 294 1.61 21.93 -20.42
CA LYS B 294 1.96 23.03 -21.32
C LYS B 294 1.55 22.70 -22.75
N GLN B 295 1.58 21.40 -23.11
CA GLN B 295 1.14 20.93 -24.44
C GLN B 295 -0.38 21.06 -24.52
N LEU B 296 -1.05 20.77 -23.40
CA LEU B 296 -2.52 20.85 -23.31
C LEU B 296 -2.97 22.30 -23.40
N LEU B 297 -2.29 23.19 -22.69
CA LEU B 297 -2.59 24.64 -22.68
C LEU B 297 -2.44 25.25 -24.08
N ARG B 298 -1.37 24.86 -24.77
CA ARG B 298 -1.08 25.34 -26.13
C ARG B 298 -2.13 24.87 -27.13
N ALA B 299 -2.58 23.63 -26.98
CA ALA B 299 -3.59 23.06 -27.85
C ALA B 299 -4.99 23.61 -27.61
N LEU B 300 -5.28 23.96 -26.36
CA LEU B 300 -6.57 24.52 -25.97
C LEU B 300 -6.78 25.95 -26.49
N GLU B 301 -5.73 26.77 -26.44
CA GLU B 301 -5.81 28.16 -26.93
C GLU B 301 -5.84 28.24 -28.46
N GLU B 302 -5.35 27.19 -29.11
CA GLU B 302 -5.31 27.10 -30.57
C GLU B 302 -6.52 26.34 -31.13
N GLY B 303 -7.39 25.86 -30.23
CA GLY B 303 -8.59 25.12 -30.58
C GLY B 303 -8.34 23.76 -31.22
N ARG B 304 -7.23 23.14 -30.82
CA ARG B 304 -6.84 21.85 -31.37
C ARG B 304 -7.38 20.64 -30.62
N VAL B 305 -7.80 20.84 -29.36
CA VAL B 305 -8.35 19.74 -28.56
C VAL B 305 -9.81 19.50 -28.89
N ARG B 306 -10.13 18.24 -29.19
CA ARG B 306 -11.48 17.84 -29.52
C ARG B 306 -12.13 17.16 -28.31
N GLU B 307 -11.51 16.10 -27.81
CA GLU B 307 -12.04 15.34 -26.68
C GLU B 307 -10.95 14.86 -25.72
N VAL B 308 -11.25 14.88 -24.42
CA VAL B 308 -10.35 14.36 -23.38
C VAL B 308 -11.21 13.43 -22.54
N PHE B 309 -10.67 12.25 -22.24
CA PHE B 309 -11.43 11.26 -21.49
C PHE B 309 -10.63 10.25 -20.72
N GLY B 310 -11.29 9.63 -19.74
CA GLY B 310 -10.69 8.58 -18.95
C GLY B 310 -11.26 7.23 -19.37
N SER B 311 -10.50 6.16 -19.16
CA SER B 311 -10.94 4.80 -19.50
C SER B 311 -10.70 3.86 -18.32
N GLY B 312 -11.61 2.90 -18.13
CA GLY B 312 -11.48 1.95 -17.04
C GLY B 312 -12.70 1.06 -16.97
N THR B 313 -12.60 -0.09 -16.32
CA THR B 313 -13.71 -1.05 -16.21
C THR B 313 -15.03 -0.49 -15.65
N ALA B 314 -14.94 0.33 -14.60
CA ALA B 314 -16.11 0.94 -13.98
C ALA B 314 -16.88 1.90 -14.89
N ALA B 315 -16.16 2.86 -15.49
CA ALA B 315 -16.76 3.87 -16.35
C ALA B 315 -16.80 3.62 -17.85
N GLN B 316 -15.97 2.68 -18.32
CA GLN B 316 -15.77 2.32 -19.74
C GLN B 316 -15.08 3.51 -20.40
N VAL B 317 -15.84 4.55 -20.74
CA VAL B 317 -15.30 5.78 -21.36
C VAL B 317 -15.95 6.95 -20.62
N CYS B 318 -15.13 7.81 -20.00
CA CYS B 318 -15.63 8.96 -19.23
C CYS B 318 -15.08 10.32 -19.68
N PRO B 319 -15.95 11.22 -20.20
CA PRO B 319 -15.54 12.55 -20.67
C PRO B 319 -15.06 13.52 -19.61
N VAL B 320 -14.15 14.42 -19.99
CA VAL B 320 -13.61 15.46 -19.10
C VAL B 320 -13.96 16.79 -19.76
N HIS B 321 -14.61 17.68 -19.01
CA HIS B 321 -15.00 19.01 -19.51
C HIS B 321 -14.30 20.18 -18.84
N ARG B 322 -13.71 19.93 -17.67
CA ARG B 322 -13.03 20.99 -16.91
C ARG B 322 -11.84 20.49 -16.11
N ILE B 323 -10.78 21.29 -16.10
CA ILE B 323 -9.56 21.00 -15.34
C ILE B 323 -9.21 22.28 -14.56
N LEU B 324 -9.15 22.16 -13.24
CA LEU B 324 -8.80 23.25 -12.34
C LEU B 324 -7.31 23.13 -12.11
N TYR B 325 -6.55 23.97 -12.81
CA TYR B 325 -5.09 23.99 -12.78
C TYR B 325 -4.60 25.38 -12.41
N LYS B 326 -3.76 25.45 -11.38
CA LYS B 326 -3.16 26.70 -10.84
C LYS B 326 -4.24 27.74 -10.49
N ASP B 327 -5.34 27.24 -9.91
CA ASP B 327 -6.52 28.01 -9.48
C ASP B 327 -7.33 28.66 -10.63
N ARG B 328 -7.06 28.19 -11.86
CA ARG B 328 -7.73 28.68 -13.08
C ARG B 328 -8.49 27.52 -13.72
N ASN B 329 -9.70 27.80 -14.21
CA ASN B 329 -10.55 26.79 -14.85
C ASN B 329 -10.34 26.68 -16.36
N LEU B 330 -9.82 25.53 -16.79
CA LEU B 330 -9.58 25.28 -18.21
C LEU B 330 -10.74 24.49 -18.79
N HIS B 331 -11.44 25.11 -19.75
CA HIS B 331 -12.60 24.49 -20.40
C HIS B 331 -12.14 23.55 -21.51
N ILE B 332 -12.54 22.29 -21.40
CA ILE B 332 -12.22 21.27 -22.41
C ILE B 332 -13.52 21.09 -23.20
N PRO B 333 -13.50 21.35 -24.52
CA PRO B 333 -14.69 21.23 -25.37
C PRO B 333 -15.16 19.81 -25.77
N THR B 334 -14.96 18.85 -24.89
CA THR B 334 -15.33 17.45 -25.12
C THR B 334 -16.80 17.22 -25.50
N MET B 335 -17.71 17.75 -24.69
CA MET B 335 -19.16 17.60 -24.88
C MET B 335 -19.74 18.38 -26.06
N GLU B 336 -19.10 19.50 -26.40
CA GLU B 336 -19.53 20.32 -27.53
C GLU B 336 -19.16 19.63 -28.85
N ASN B 337 -18.16 18.75 -28.78
CA ASN B 337 -17.70 17.97 -29.94
C ASN B 337 -18.42 16.63 -30.10
N GLY B 338 -19.59 16.53 -29.47
CA GLY B 338 -20.40 15.32 -29.53
C GLY B 338 -20.81 14.74 -28.19
N PRO B 339 -19.90 14.01 -27.49
CA PRO B 339 -18.52 13.64 -27.82
C PRO B 339 -18.42 12.46 -28.81
N GLU B 340 -18.20 12.81 -30.07
CA GLU B 340 -18.13 11.87 -31.22
C GLU B 340 -17.37 10.56 -31.03
N LEU B 341 -16.09 10.67 -30.70
CA LEU B 341 -15.23 9.49 -30.50
C LEU B 341 -15.64 8.68 -29.25
N ILE B 342 -15.93 9.38 -28.15
CA ILE B 342 -16.35 8.73 -26.90
C ILE B 342 -17.63 7.92 -27.10
N LEU B 343 -18.62 8.52 -27.78
CA LEU B 343 -19.89 7.83 -28.08
C LEU B 343 -19.70 6.64 -29.01
N ARG B 344 -18.75 6.74 -29.95
CA ARG B 344 -18.44 5.66 -30.89
C ARG B 344 -17.77 4.50 -30.14
N PHE B 345 -16.84 4.84 -29.24
CA PHE B 345 -16.11 3.86 -28.42
C PHE B 345 -17.09 3.15 -27.49
N GLN B 346 -17.98 3.93 -26.86
CA GLN B 346 -18.97 3.39 -25.95
C GLN B 346 -19.99 2.48 -26.64
N LYS B 347 -20.40 2.86 -27.85
CA LYS B 347 -21.38 2.07 -28.60
C LYS B 347 -20.80 0.74 -29.05
N GLU B 348 -19.56 0.77 -29.56
CA GLU B 348 -18.90 -0.45 -30.02
C GLU B 348 -18.59 -1.37 -28.83
N LEU B 349 -18.16 -0.79 -27.71
CA LEU B 349 -17.88 -1.57 -26.50
C LEU B 349 -19.16 -2.20 -25.94
N LYS B 350 -20.27 -1.44 -25.97
CA LYS B 350 -21.57 -1.93 -25.49
C LYS B 350 -22.06 -3.11 -26.32
N GLU B 351 -21.95 -2.98 -27.64
CA GLU B 351 -22.38 -4.03 -28.57
C GLU B 351 -21.56 -5.32 -28.46
N ILE B 352 -20.28 -5.18 -28.14
CA ILE B 352 -19.38 -6.32 -27.96
C ILE B 352 -19.65 -6.98 -26.60
N GLN B 353 -19.71 -6.17 -25.56
CA GLN B 353 -19.93 -6.65 -24.19
C GLN B 353 -21.25 -7.37 -23.93
N TYR B 354 -22.33 -6.88 -24.53
CA TYR B 354 -23.65 -7.49 -24.37
C TYR B 354 -24.01 -8.50 -25.45
N GLY B 355 -23.01 -8.90 -26.23
CA GLY B 355 -23.17 -9.89 -27.28
C GLY B 355 -24.01 -9.58 -28.51
N ILE B 356 -24.19 -8.30 -28.81
CA ILE B 356 -24.95 -7.86 -29.99
C ILE B 356 -24.07 -8.08 -31.24
N ARG B 357 -22.76 -7.98 -31.02
CA ARG B 357 -21.74 -8.22 -32.03
C ARG B 357 -20.83 -9.29 -31.48
N ALA B 358 -20.50 -10.29 -32.30
CA ALA B 358 -19.59 -11.34 -31.87
C ALA B 358 -18.18 -10.75 -31.94
N HIS B 359 -17.35 -11.14 -30.97
CA HIS B 359 -15.96 -10.68 -30.92
C HIS B 359 -15.13 -11.65 -30.11
N GLU B 360 -13.87 -11.81 -30.52
CA GLU B 360 -12.90 -12.70 -29.87
C GLU B 360 -12.54 -12.22 -28.46
N TRP B 361 -12.88 -10.97 -28.16
CA TRP B 361 -12.63 -10.37 -26.86
C TRP B 361 -13.49 -10.95 -25.74
N MET B 362 -14.64 -11.49 -26.11
CA MET B 362 -15.56 -12.06 -25.14
C MET B 362 -15.34 -13.54 -24.84
N PHE B 363 -15.45 -13.86 -23.55
CA PHE B 363 -15.28 -15.21 -23.02
C PHE B 363 -16.62 -15.62 -22.39
N PRO B 364 -17.29 -16.66 -22.93
CA PRO B 364 -18.58 -17.10 -22.36
C PRO B 364 -18.49 -17.90 -21.06
N VAL B 365 -19.49 -17.71 -20.18
CA VAL B 365 -19.53 -18.45 -18.93
C VAL B 365 -20.51 -19.63 -18.98
#